data_4OKS
#
_entry.id   4OKS
#
_cell.length_a   82.075
_cell.length_b   103.343
_cell.length_c   119.072
_cell.angle_alpha   90.000
_cell.angle_beta   90.000
_cell.angle_gamma   90.000
#
_symmetry.space_group_name_H-M   'P 21 21 21'
#
loop_
_entity.id
_entity.type
_entity.pdbx_description
1 polymer 'Serine protease NS3'
2 non-polymer '[6-(3,5-diaminophenyl)-1-(2-methoxy-5-nitrobenzyl)-1H-indol-3-yl]acetic acid'
3 non-polymer 'CALCIUM ION'
4 water water
#
_entity_poly.entity_id   1
_entity_poly.type   'polypeptide(L)'
_entity_poly.pdbx_seq_one_letter_code
;MGSSHHHHHHSSGRSPVFTDNSSPPAVPQSFQVAHLHAPTGSGKSTKVPAAYAAQGYKVLVLNPSVAATLGFGAYMSKAH
GVDPNIRTGVRTITTGSPITYSTYGKFLADGGCSGGAYDIIICDECHSTDATSILGIGTVLDQAETAGARLVVLATATPP
GSVTVSHPNIEEVALSTTGEIPFYGKAIPLEVIKGGRHLIFCHSKKKCDELAAKLVALGINAVAYYRGLDVSVIPTNGDV
VVVSTDALMTGFTGDFDSVIDCNTCVTQTVDFSLDPTFTIETTTLPQDAVSRTQRRGRTGRGKPGIYRFVAPGERPSGMF
DSSVLCECYDAGCAWYELMPAETTVRLRAYMNTPGLPVCQDHLEFWEGVFTGLTHIDAHFLSQTKQSGENFPYLVAYQAT
VCARAQAPPPSWDQMWKCLIRLKPTLHGPTPLLYRLGAVQNEVTLTHPITKYIMTCMSADLEVV
;
_entity_poly.pdbx_strand_id   A,B
#
# COMPACT_ATOMS: atom_id res chain seq x y z
N PHE A 18 3.18 -20.71 16.58
CA PHE A 18 2.10 -20.06 15.84
C PHE A 18 1.15 -21.10 15.21
N THR A 19 -0.15 -20.83 15.28
CA THR A 19 -1.18 -21.74 14.76
C THR A 19 -2.28 -20.96 14.05
N ASP A 20 -2.98 -21.61 13.13
CA ASP A 20 -4.09 -21.00 12.38
C ASP A 20 -5.43 -21.67 12.67
N ASN A 21 -6.41 -20.91 13.18
CA ASN A 21 -7.68 -21.47 13.64
C ASN A 21 -8.91 -20.70 13.15
N SER A 22 -10.00 -21.42 12.94
CA SER A 22 -11.31 -20.78 12.78
C SER A 22 -12.15 -21.07 14.02
N SER A 23 -11.53 -21.77 14.97
CA SER A 23 -12.15 -22.10 16.26
C SER A 23 -11.17 -21.81 17.40
N PRO A 24 -11.69 -21.48 18.60
CA PRO A 24 -10.88 -21.16 19.78
C PRO A 24 -9.84 -22.23 20.13
N PRO A 25 -8.56 -21.88 20.02
CA PRO A 25 -7.43 -22.76 20.34
C PRO A 25 -7.49 -23.21 21.78
N ALA A 26 -7.41 -24.52 22.03
CA ALA A 26 -7.33 -25.02 23.39
C ALA A 26 -6.07 -24.48 24.07
N VAL A 27 -6.13 -24.27 25.38
CA VAL A 27 -4.97 -23.81 26.11
C VAL A 27 -3.89 -24.91 26.11
N PRO A 28 -2.75 -24.64 25.49
CA PRO A 28 -1.69 -25.65 25.44
C PRO A 28 -0.99 -25.73 26.79
N GLN A 29 -0.07 -26.67 26.93
CA GLN A 29 0.64 -26.83 28.18
C GLN A 29 1.77 -25.81 28.31
N SER A 30 2.43 -25.52 27.20
CA SER A 30 3.47 -24.48 27.16
C SER A 30 3.15 -23.36 26.15
N PHE A 31 3.83 -22.22 26.31
CA PHE A 31 3.45 -20.99 25.64
C PHE A 31 3.30 -21.08 24.13
N GLN A 32 2.22 -20.49 23.61
CA GLN A 32 2.06 -20.39 22.16
C GLN A 32 1.23 -19.18 21.71
N VAL A 33 1.51 -18.70 20.51
CA VAL A 33 0.75 -17.63 19.88
C VAL A 33 -0.16 -18.21 18.83
N ALA A 34 -1.47 -18.03 18.98
CA ALA A 34 -2.38 -18.62 18.01
C ALA A 34 -3.19 -17.58 17.24
N HIS A 35 -3.39 -17.81 15.95
CA HIS A 35 -4.24 -16.95 15.13
C HIS A 35 -5.69 -17.42 15.11
N LEU A 36 -6.61 -16.52 15.45
CA LEU A 36 -8.04 -16.83 15.39
C LEU A 36 -8.73 -15.97 14.34
N HIS A 37 -9.10 -16.61 13.24
CA HIS A 37 -9.79 -15.95 12.14
C HIS A 37 -11.24 -16.39 12.17
N ALA A 38 -12.10 -15.52 12.69
CA ALA A 38 -13.49 -15.89 12.91
C ALA A 38 -14.41 -14.70 12.71
N PRO A 39 -15.63 -14.96 12.22
CA PRO A 39 -16.61 -13.88 11.98
C PRO A 39 -16.85 -13.03 13.23
N THR A 40 -17.35 -11.82 13.00
CA THR A 40 -17.58 -10.86 14.08
C THR A 40 -18.69 -11.32 15.05
N GLY A 41 -19.77 -11.86 14.47
CA GLY A 41 -20.90 -12.34 15.25
C GLY A 41 -20.54 -13.47 16.19
N SER A 42 -19.64 -14.34 15.76
CA SER A 42 -19.21 -15.50 16.54
C SER A 42 -18.54 -15.13 17.88
N GLY A 43 -18.74 -13.90 18.33
CA GLY A 43 -18.37 -13.49 19.67
C GLY A 43 -16.91 -13.70 20.07
N LYS A 44 -15.99 -13.20 19.25
CA LYS A 44 -14.55 -13.28 19.56
C LYS A 44 -14.27 -12.68 20.92
N SER A 45 -15.01 -11.61 21.20
CA SER A 45 -14.73 -10.79 22.36
C SER A 45 -15.64 -11.16 23.50
N THR A 46 -16.58 -12.06 23.24
CA THR A 46 -17.56 -12.43 24.28
C THR A 46 -17.62 -13.94 24.51
N LYS A 47 -18.01 -14.71 23.49
CA LYS A 47 -18.13 -16.17 23.65
C LYS A 47 -16.77 -16.83 23.86
N VAL A 48 -15.78 -16.42 23.09
CA VAL A 48 -14.42 -16.92 23.27
C VAL A 48 -13.85 -16.70 24.69
N PRO A 49 -13.82 -15.44 25.20
CA PRO A 49 -13.28 -15.30 26.56
C PRO A 49 -14.12 -16.03 27.62
N ALA A 50 -15.43 -16.06 27.43
CA ALA A 50 -16.33 -16.73 28.36
C ALA A 50 -16.02 -18.23 28.43
N ALA A 51 -15.86 -18.85 27.27
CA ALA A 51 -15.54 -20.28 27.24
C ALA A 51 -14.20 -20.55 27.92
N TYR A 52 -13.26 -19.62 27.80
CA TYR A 52 -12.00 -19.77 28.53
C TYR A 52 -12.19 -19.58 30.02
N ALA A 53 -13.03 -18.63 30.41
CA ALA A 53 -13.27 -18.36 31.82
C ALA A 53 -13.91 -19.58 32.47
N ALA A 54 -14.84 -20.21 31.74
CA ALA A 54 -15.56 -21.37 32.22
C ALA A 54 -14.61 -22.54 32.51
N GLN A 55 -13.49 -22.60 31.82
CA GLN A 55 -12.47 -23.61 32.08
C GLN A 55 -11.59 -23.22 33.25
N GLY A 56 -11.84 -22.06 33.84
CA GLY A 56 -11.09 -21.65 35.02
C GLY A 56 -9.87 -20.74 34.77
N TYR A 57 -9.74 -20.19 33.56
CA TYR A 57 -8.61 -19.35 33.23
C TYR A 57 -8.88 -17.87 33.47
N LYS A 58 -7.82 -17.11 33.70
CA LYS A 58 -7.95 -15.67 33.75
C LYS A 58 -7.59 -15.10 32.37
N VAL A 59 -8.51 -14.33 31.81
CA VAL A 59 -8.50 -13.86 30.41
C VAL A 59 -8.45 -12.35 30.28
N LEU A 60 -7.48 -11.82 29.55
CA LEU A 60 -7.44 -10.41 29.20
C LEU A 60 -7.92 -10.25 27.75
N VAL A 61 -8.88 -9.35 27.51
CA VAL A 61 -9.33 -9.09 26.15
C VAL A 61 -9.04 -7.66 25.75
N LEU A 62 -8.19 -7.50 24.74
CA LEU A 62 -7.75 -6.17 24.33
C LEU A 62 -8.44 -5.69 23.04
N ASN A 63 -8.94 -4.46 23.08
N ASN A 63 -8.93 -4.46 23.07
CA ASN A 63 -9.65 -3.85 21.97
CA ASN A 63 -9.62 -3.89 21.92
C ASN A 63 -9.08 -2.45 21.62
C ASN A 63 -9.15 -2.47 21.62
N PRO A 64 -9.15 -2.05 20.33
CA PRO A 64 -8.69 -0.67 20.04
C PRO A 64 -9.61 0.40 20.61
N SER A 65 -10.91 0.10 20.60
CA SER A 65 -11.96 1.07 20.89
C SER A 65 -12.44 1.09 22.36
N VAL A 66 -12.44 2.29 22.93
CA VAL A 66 -12.96 2.48 24.28
C VAL A 66 -14.44 2.11 24.37
N ALA A 67 -15.19 2.44 23.33
CA ALA A 67 -16.63 2.16 23.32
C ALA A 67 -16.89 0.67 23.19
N ALA A 68 -16.11 0.01 22.35
CA ALA A 68 -16.19 -1.45 22.25
C ALA A 68 -15.86 -2.09 23.58
N THR A 69 -14.76 -1.66 24.21
CA THR A 69 -14.34 -2.25 25.48
C THR A 69 -15.46 -2.11 26.54
N LEU A 70 -15.91 -0.88 26.79
CA LEU A 70 -17.02 -0.64 27.72
C LEU A 70 -18.28 -1.40 27.30
N GLY A 71 -18.50 -1.52 26.00
CA GLY A 71 -19.65 -2.23 25.47
C GLY A 71 -19.66 -3.73 25.74
N PHE A 72 -18.48 -4.34 25.89
CA PHE A 72 -18.42 -5.76 26.20
C PHE A 72 -18.75 -5.99 27.65
N GLY A 73 -18.35 -5.05 28.50
CA GLY A 73 -18.67 -5.14 29.92
C GLY A 73 -20.17 -5.16 30.11
N ALA A 74 -20.87 -4.26 29.44
CA ALA A 74 -22.31 -4.13 29.61
C ALA A 74 -23.04 -5.33 29.05
N TYR A 75 -22.58 -5.85 27.91
CA TYR A 75 -23.23 -7.01 27.29
C TYR A 75 -23.14 -8.21 28.23
N MET A 76 -21.94 -8.50 28.73
CA MET A 76 -21.71 -9.64 29.62
C MET A 76 -22.54 -9.54 30.90
N SER A 77 -22.82 -8.31 31.34
CA SER A 77 -23.62 -8.11 32.54
C SER A 77 -25.09 -8.37 32.25
N LYS A 78 -25.59 -7.71 31.20
CA LYS A 78 -26.97 -7.88 30.79
C LYS A 78 -27.28 -9.30 30.33
N ALA A 79 -26.42 -9.90 29.52
CA ALA A 79 -26.73 -11.20 28.93
C ALA A 79 -26.33 -12.41 29.80
N HIS A 80 -25.36 -12.25 30.69
CA HIS A 80 -24.85 -13.40 31.45
C HIS A 80 -24.65 -13.11 32.92
N GLY A 81 -24.99 -11.90 33.35
CA GLY A 81 -24.79 -11.52 34.73
C GLY A 81 -23.34 -11.70 35.14
N VAL A 82 -22.44 -11.42 34.20
CA VAL A 82 -21.01 -11.43 34.47
C VAL A 82 -20.52 -10.00 34.48
N ASP A 83 -19.91 -9.57 35.57
CA ASP A 83 -19.33 -8.23 35.62
C ASP A 83 -17.82 -8.30 35.48
N PRO A 84 -17.32 -8.13 34.24
CA PRO A 84 -15.87 -8.26 34.04
C PRO A 84 -15.17 -7.05 34.61
N ASN A 85 -13.87 -7.14 34.85
CA ASN A 85 -13.10 -5.93 35.02
C ASN A 85 -13.13 -5.17 33.69
N ILE A 86 -13.16 -3.85 33.78
CA ILE A 86 -13.14 -3.00 32.59
C ILE A 86 -12.02 -1.99 32.75
N ARG A 87 -11.07 -1.92 31.82
CA ARG A 87 -9.99 -0.96 31.96
C ARG A 87 -9.84 -0.09 30.72
N THR A 88 -10.16 1.19 30.88
CA THR A 88 -10.06 2.18 29.81
C THR A 88 -9.50 3.45 30.40
N GLY A 89 -9.09 4.38 29.53
CA GLY A 89 -8.58 5.67 29.99
C GLY A 89 -9.55 6.39 30.90
N VAL A 90 -10.77 6.57 30.43
CA VAL A 90 -11.77 7.36 31.15
C VAL A 90 -12.37 6.61 32.32
N ARG A 91 -12.54 5.29 32.18
CA ARG A 91 -13.21 4.51 33.22
C ARG A 91 -12.58 3.16 33.51
N THR A 92 -12.35 2.90 34.80
CA THR A 92 -11.78 1.67 35.27
C THR A 92 -12.64 1.01 36.35
N ILE A 93 -13.12 -0.20 36.07
CA ILE A 93 -13.88 -0.99 37.05
C ILE A 93 -13.14 -2.30 37.41
N THR A 94 -12.99 -2.56 38.70
CA THR A 94 -12.37 -3.80 39.14
C THR A 94 -13.36 -4.63 39.95
N THR A 95 -13.80 -5.77 39.39
CA THR A 95 -14.75 -6.66 40.06
C THR A 95 -14.09 -7.93 40.59
N GLY A 96 -12.97 -8.33 39.99
CA GLY A 96 -12.31 -9.56 40.37
C GLY A 96 -12.69 -10.73 39.47
N SER A 97 -13.53 -10.47 38.48
CA SER A 97 -13.88 -11.49 37.48
C SER A 97 -12.63 -12.07 36.82
N PRO A 98 -12.69 -13.33 36.34
CA PRO A 98 -11.51 -13.85 35.65
C PRO A 98 -11.38 -13.19 34.27
N ILE A 99 -12.44 -12.52 33.83
CA ILE A 99 -12.40 -11.81 32.56
C ILE A 99 -12.11 -10.33 32.78
N THR A 100 -11.13 -9.82 32.05
CA THR A 100 -10.80 -8.40 32.02
C THR A 100 -10.92 -7.87 30.60
N TYR A 101 -11.71 -6.82 30.40
CA TYR A 101 -11.72 -6.08 29.14
C TYR A 101 -10.94 -4.79 29.23
N SER A 102 -10.03 -4.59 28.28
CA SER A 102 -9.21 -3.39 28.27
C SER A 102 -8.94 -2.86 26.87
N THR A 103 -8.64 -1.58 26.78
CA THR A 103 -8.14 -1.04 25.53
C THR A 103 -6.65 -1.30 25.44
N TYR A 104 -6.13 -1.36 24.22
CA TYR A 104 -4.69 -1.41 24.00
C TYR A 104 -3.98 -0.26 24.70
N GLY A 105 -4.51 0.95 24.58
CA GLY A 105 -3.92 2.12 25.21
C GLY A 105 -3.89 2.08 26.72
N LYS A 106 -4.92 1.53 27.34
CA LYS A 106 -4.95 1.43 28.80
C LYS A 106 -3.99 0.36 29.27
N PHE A 107 -3.93 -0.73 28.50
CA PHE A 107 -2.99 -1.81 28.75
C PHE A 107 -1.56 -1.27 28.76
N LEU A 108 -1.22 -0.46 27.76
CA LEU A 108 0.12 0.14 27.70
C LEU A 108 0.39 1.08 28.88
N ALA A 109 -0.62 1.90 29.23
CA ALA A 109 -0.50 2.77 30.43
C ALA A 109 -0.31 1.96 31.69
N ASP A 110 -0.98 0.81 31.80
CA ASP A 110 -0.80 -0.09 32.95
C ASP A 110 0.56 -0.79 32.97
N GLY A 111 1.49 -0.37 32.10
CA GLY A 111 2.82 -0.96 32.05
C GLY A 111 2.97 -2.20 31.18
N GLY A 112 1.89 -2.61 30.51
CA GLY A 112 1.88 -3.83 29.74
C GLY A 112 1.49 -5.05 30.57
N CYS A 113 2.19 -6.16 30.35
CA CYS A 113 1.93 -7.41 31.07
C CYS A 113 2.51 -7.37 32.48
N SER A 114 1.64 -7.44 33.49
CA SER A 114 2.12 -7.53 34.87
C SER A 114 2.09 -9.00 35.29
N GLY A 115 3.26 -9.48 35.72
CA GLY A 115 3.50 -10.90 35.96
C GLY A 115 2.39 -11.65 36.68
N GLY A 116 2.08 -12.84 36.20
CA GLY A 116 1.15 -13.74 36.86
C GLY A 116 -0.33 -13.36 36.79
N ALA A 117 -0.69 -12.34 36.03
CA ALA A 117 -2.06 -11.87 36.07
C ALA A 117 -3.00 -12.67 35.17
N TYR A 118 -2.53 -13.03 33.99
CA TYR A 118 -3.40 -13.58 32.97
C TYR A 118 -2.82 -14.88 32.42
N ASP A 119 -3.69 -15.86 32.21
CA ASP A 119 -3.32 -17.11 31.56
C ASP A 119 -3.40 -16.92 30.06
N ILE A 120 -4.43 -16.19 29.65
CA ILE A 120 -4.73 -15.97 28.24
C ILE A 120 -4.88 -14.48 27.91
N ILE A 121 -4.24 -14.03 26.84
CA ILE A 121 -4.44 -12.68 26.39
C ILE A 121 -4.98 -12.71 24.97
N ILE A 122 -6.20 -12.20 24.79
CA ILE A 122 -6.80 -12.10 23.47
C ILE A 122 -6.56 -10.70 22.87
N CYS A 123 -5.79 -10.64 21.79
CA CYS A 123 -5.61 -9.39 21.05
C CYS A 123 -6.67 -9.34 20.00
N ASP A 124 -7.78 -8.68 20.32
CA ASP A 124 -8.92 -8.59 19.41
C ASP A 124 -8.73 -7.47 18.36
N GLU A 125 -9.43 -7.61 17.24
CA GLU A 125 -9.20 -6.80 16.05
C GLU A 125 -7.71 -6.64 15.76
N CYS A 126 -6.98 -7.76 15.72
CA CYS A 126 -5.53 -7.72 15.57
C CYS A 126 -5.11 -7.22 14.19
N HIS A 127 -6.08 -7.09 13.27
CA HIS A 127 -5.86 -6.42 11.97
C HIS A 127 -5.73 -4.90 12.07
N SER A 128 -6.10 -4.33 13.21
N SER A 128 -6.09 -4.33 13.22
CA SER A 128 -6.10 -2.87 13.40
CA SER A 128 -6.05 -2.89 13.46
C SER A 128 -4.69 -2.27 13.27
C SER A 128 -4.66 -2.29 13.25
N THR A 129 -4.57 -1.19 12.50
CA THR A 129 -3.25 -0.59 12.29
C THR A 129 -3.12 0.83 12.81
N ASP A 130 -3.95 1.23 13.76
CA ASP A 130 -3.60 2.44 14.49
C ASP A 130 -2.44 2.17 15.47
N ALA A 131 -1.73 3.24 15.83
CA ALA A 131 -0.45 3.12 16.52
C ALA A 131 -0.57 2.38 17.85
N THR A 132 -1.64 2.63 18.59
N THR A 132 -1.65 2.63 18.57
CA THR A 132 -1.87 1.97 19.88
CA THR A 132 -1.87 2.00 19.85
C THR A 132 -2.01 0.45 19.74
C THR A 132 -2.03 0.47 19.75
N SER A 133 -2.75 0.00 18.74
CA SER A 133 -2.94 -1.43 18.55
C SER A 133 -1.59 -2.10 18.28
N ILE A 134 -0.80 -1.47 17.42
CA ILE A 134 0.45 -2.04 17.00
C ILE A 134 1.44 -2.12 18.16
N LEU A 135 1.59 -1.02 18.90
CA LEU A 135 2.48 -1.00 20.08
C LEU A 135 1.93 -1.94 21.15
N GLY A 136 0.61 -1.92 21.32
CA GLY A 136 -0.07 -2.82 22.25
C GLY A 136 0.13 -4.31 21.95
N ILE A 137 -0.08 -4.71 20.70
CA ILE A 137 0.09 -6.11 20.33
C ILE A 137 1.57 -6.50 20.37
N GLY A 138 2.44 -5.58 19.93
CA GLY A 138 3.87 -5.80 20.02
C GLY A 138 4.32 -6.03 21.45
N THR A 139 3.73 -5.29 22.38
CA THR A 139 4.05 -5.39 23.80
C THR A 139 3.60 -6.73 24.37
N VAL A 140 2.37 -7.13 24.04
CA VAL A 140 1.88 -8.46 24.41
C VAL A 140 2.82 -9.58 23.90
N LEU A 141 3.21 -9.48 22.63
CA LEU A 141 4.05 -10.49 21.99
C LEU A 141 5.46 -10.54 22.60
N ASP A 142 5.95 -9.41 23.09
CA ASP A 142 7.25 -9.42 23.73
C ASP A 142 7.23 -9.89 25.20
N GLN A 143 6.08 -9.76 25.88
CA GLN A 143 6.05 -9.84 27.33
C GLN A 143 5.21 -10.99 27.89
N ALA A 144 4.28 -11.50 27.10
CA ALA A 144 3.28 -12.42 27.63
C ALA A 144 3.90 -13.69 28.23
N GLU A 145 4.83 -14.32 27.52
CA GLU A 145 5.41 -15.58 28.00
C GLU A 145 6.13 -15.38 29.34
N THR A 146 7.04 -14.41 29.39
CA THR A 146 7.72 -14.03 30.63
C THR A 146 6.76 -13.70 31.77
N ALA A 147 5.61 -13.11 31.45
CA ALA A 147 4.62 -12.76 32.48
C ALA A 147 3.78 -13.96 32.98
N GLY A 148 4.01 -15.15 32.40
CA GLY A 148 3.30 -16.34 32.85
C GLY A 148 2.04 -16.69 32.06
N ALA A 149 1.79 -16.01 30.95
CA ALA A 149 0.67 -16.37 30.10
C ALA A 149 0.94 -17.70 29.39
N ARG A 150 -0.10 -18.51 29.23
CA ARG A 150 0.01 -19.72 28.43
C ARG A 150 -0.29 -19.49 26.95
N LEU A 151 -1.27 -18.64 26.67
CA LEU A 151 -1.75 -18.49 25.33
C LEU A 151 -1.97 -17.02 24.94
N VAL A 152 -1.49 -16.67 23.75
CA VAL A 152 -1.85 -15.40 23.16
C VAL A 152 -2.67 -15.67 21.91
N VAL A 153 -3.83 -15.04 21.81
CA VAL A 153 -4.69 -15.20 20.64
C VAL A 153 -4.78 -13.90 19.82
N LEU A 154 -4.31 -13.95 18.58
CA LEU A 154 -4.42 -12.83 17.66
C LEU A 154 -5.71 -13.00 16.85
N ALA A 155 -6.76 -12.28 17.25
CA ALA A 155 -8.09 -12.49 16.68
C ALA A 155 -8.56 -11.38 15.74
N THR A 156 -9.08 -11.78 14.59
CA THR A 156 -9.67 -10.86 13.65
C THR A 156 -10.61 -11.58 12.67
N ALA A 157 -11.56 -10.83 12.12
CA ALA A 157 -12.40 -11.36 11.03
C ALA A 157 -11.75 -11.14 9.67
N THR A 158 -10.75 -10.27 9.62
CA THR A 158 -10.11 -9.91 8.35
C THR A 158 -8.58 -9.90 8.45
N PRO A 159 -7.96 -11.09 8.33
CA PRO A 159 -6.49 -11.28 8.30
C PRO A 159 -5.85 -10.59 7.10
N PRO A 160 -4.50 -10.44 7.10
CA PRO A 160 -3.79 -9.86 5.96
C PRO A 160 -4.17 -10.52 4.62
N GLY A 161 -4.35 -9.71 3.58
CA GLY A 161 -4.73 -10.25 2.28
C GLY A 161 -6.23 -10.40 2.04
N SER A 162 -7.03 -10.16 3.08
CA SER A 162 -8.49 -10.30 2.95
C SER A 162 -9.07 -9.33 1.94
N VAL A 163 -10.08 -9.81 1.21
CA VAL A 163 -10.91 -8.97 0.36
C VAL A 163 -12.37 -9.11 0.77
N THR A 164 -13.17 -8.11 0.46
CA THR A 164 -14.59 -8.12 0.76
C THR A 164 -15.32 -9.26 0.04
N VAL A 165 -16.07 -10.05 0.82
CA VAL A 165 -16.93 -11.09 0.26
C VAL A 165 -18.36 -10.56 0.19
N SER A 166 -19.22 -11.20 -0.58
CA SER A 166 -20.59 -10.71 -0.72
C SER A 166 -21.41 -11.08 0.53
N HIS A 167 -22.34 -10.19 0.86
CA HIS A 167 -23.18 -10.35 2.04
C HIS A 167 -24.59 -10.79 1.61
N PRO A 168 -25.12 -11.82 2.27
CA PRO A 168 -26.43 -12.40 1.91
C PRO A 168 -27.53 -11.34 1.89
N ASN A 169 -27.57 -10.50 2.91
CA ASN A 169 -28.63 -9.50 3.06
C ASN A 169 -28.33 -8.15 2.40
N ILE A 170 -27.30 -8.06 1.57
CA ILE A 170 -26.96 -6.76 1.00
C ILE A 170 -26.89 -6.77 -0.52
N GLU A 171 -27.64 -5.83 -1.12
CA GLU A 171 -27.66 -5.62 -2.56
C GLU A 171 -26.52 -4.70 -2.95
N GLU A 172 -25.65 -5.18 -3.84
CA GLU A 172 -24.50 -4.39 -4.26
C GLU A 172 -24.75 -3.90 -5.69
N VAL A 173 -24.83 -2.59 -5.85
CA VAL A 173 -25.23 -2.02 -7.13
C VAL A 173 -24.19 -1.09 -7.71
N ALA A 174 -23.53 -1.54 -8.77
CA ALA A 174 -22.61 -0.69 -9.52
C ALA A 174 -23.30 0.60 -9.95
N LEU A 175 -22.75 1.74 -9.56
CA LEU A 175 -23.22 3.05 -10.00
C LEU A 175 -22.88 3.32 -11.46
N SER A 176 -23.38 4.44 -11.99
CA SER A 176 -23.08 4.86 -13.36
C SER A 176 -23.11 6.37 -13.54
N THR A 177 -23.09 6.79 -14.81
CA THR A 177 -22.95 8.19 -15.20
C THR A 177 -24.21 9.07 -14.98
N THR A 178 -25.37 8.43 -14.87
CA THR A 178 -26.64 9.13 -15.04
C THR A 178 -27.34 9.53 -13.73
N GLY A 179 -27.28 10.81 -13.38
CA GLY A 179 -27.90 11.24 -12.14
C GLY A 179 -27.78 12.74 -11.96
N GLU A 180 -28.54 13.29 -11.03
CA GLU A 180 -28.69 14.73 -10.93
C GLU A 180 -27.65 15.32 -9.99
N ILE A 181 -26.79 14.45 -9.47
CA ILE A 181 -25.63 14.89 -8.71
C ILE A 181 -24.41 14.10 -9.16
N PRO A 182 -23.32 14.82 -9.47
CA PRO A 182 -22.05 14.17 -9.81
C PRO A 182 -21.45 13.51 -8.56
N PHE A 183 -21.09 12.24 -8.68
CA PHE A 183 -20.49 11.54 -7.54
C PHE A 183 -19.21 10.82 -7.94
N TYR A 184 -18.07 11.45 -7.67
CA TYR A 184 -16.76 10.81 -7.86
C TYR A 184 -16.60 10.16 -9.24
N GLY A 185 -16.93 10.91 -10.29
CA GLY A 185 -16.80 10.38 -11.64
C GLY A 185 -17.96 9.47 -12.03
N LYS A 186 -18.94 9.40 -11.16
CA LYS A 186 -20.20 8.77 -11.49
C LYS A 186 -21.31 9.70 -11.00
N ALA A 187 -22.53 9.19 -10.95
CA ALA A 187 -23.61 10.09 -10.58
C ALA A 187 -24.58 9.46 -9.60
N ILE A 188 -24.95 10.24 -8.59
CA ILE A 188 -26.03 9.86 -7.68
C ILE A 188 -27.37 10.40 -8.20
N PRO A 189 -28.24 9.47 -8.66
CA PRO A 189 -29.54 9.70 -9.26
C PRO A 189 -30.57 10.18 -8.23
N LEU A 190 -31.48 11.03 -8.71
CA LEU A 190 -32.71 11.48 -8.04
C LEU A 190 -33.25 10.62 -6.89
N GLU A 191 -33.64 9.42 -7.26
CA GLU A 191 -34.61 8.60 -6.55
C GLU A 191 -34.23 8.12 -5.15
N VAL A 192 -33.07 7.49 -5.06
CA VAL A 192 -32.87 6.57 -3.97
C VAL A 192 -32.19 7.27 -2.78
N ILE A 193 -32.45 8.56 -2.69
CA ILE A 193 -32.19 9.35 -1.49
C ILE A 193 -33.33 10.35 -1.29
N GLY A 196 -35.49 7.53 1.94
CA GLY A 196 -35.71 7.33 3.36
C GLY A 196 -34.52 7.73 4.22
N ARG A 197 -33.84 6.71 4.77
CA ARG A 197 -32.61 6.92 5.53
C ARG A 197 -31.42 6.26 4.83
N HIS A 198 -30.45 7.07 4.42
CA HIS A 198 -29.32 6.59 3.64
C HIS A 198 -28.01 7.19 4.17
N LEU A 199 -26.93 6.43 4.02
CA LEU A 199 -25.61 6.90 4.45
C LEU A 199 -24.71 7.08 3.23
N ILE A 200 -24.04 8.22 3.14
CA ILE A 200 -23.16 8.47 2.00
C ILE A 200 -21.75 8.81 2.45
N PHE A 201 -20.79 8.00 2.00
CA PHE A 201 -19.40 8.20 2.42
C PHE A 201 -18.59 9.04 1.43
N CYS A 202 -18.16 10.20 1.90
CA CYS A 202 -17.19 11.04 1.23
C CYS A 202 -15.83 10.91 1.91
N HIS A 203 -14.76 11.30 1.22
CA HIS A 203 -13.39 11.11 1.72
C HIS A 203 -12.94 12.26 2.62
N SER A 204 -13.49 13.43 2.41
CA SER A 204 -13.06 14.59 3.16
C SER A 204 -14.24 15.33 3.78
N LYS A 205 -13.92 16.19 4.74
CA LYS A 205 -14.93 17.00 5.41
C LYS A 205 -15.53 18.01 4.44
N LYS A 206 -14.70 18.61 3.59
CA LYS A 206 -15.20 19.69 2.76
C LYS A 206 -16.16 19.15 1.71
N LYS A 207 -15.95 17.93 1.22
CA LYS A 207 -16.90 17.38 0.28
C LYS A 207 -18.14 16.85 0.99
N CYS A 208 -18.08 16.77 2.31
CA CYS A 208 -19.28 16.44 3.09
C CYS A 208 -20.16 17.69 3.13
N ASP A 209 -19.55 18.81 3.53
CA ASP A 209 -20.22 20.10 3.63
C ASP A 209 -20.81 20.54 2.29
N GLU A 210 -20.02 20.43 1.23
CA GLU A 210 -20.45 20.82 -0.11
C GLU A 210 -21.53 19.91 -0.68
N LEU A 211 -21.50 18.63 -0.33
CA LEU A 211 -22.52 17.73 -0.84
C LEU A 211 -23.81 17.87 -0.02
N ALA A 212 -23.65 18.17 1.26
CA ALA A 212 -24.80 18.36 2.15
C ALA A 212 -25.44 19.74 1.94
N ALA A 213 -24.61 20.74 1.63
CA ALA A 213 -25.15 22.04 1.24
C ALA A 213 -25.92 21.93 -0.08
N LYS A 214 -25.48 21.02 -0.95
CA LYS A 214 -26.19 20.75 -2.20
C LYS A 214 -27.51 20.04 -1.97
N LEU A 215 -27.49 19.03 -1.10
CA LEU A 215 -28.67 18.23 -0.83
C LEU A 215 -29.72 19.03 -0.03
N VAL A 216 -29.26 19.79 0.96
CA VAL A 216 -30.14 20.67 1.73
C VAL A 216 -30.85 21.71 0.84
N ALA A 217 -30.11 22.34 -0.06
CA ALA A 217 -30.71 23.31 -1.00
C ALA A 217 -31.60 22.60 -2.04
N LEU A 218 -31.42 21.29 -2.21
CA LEU A 218 -32.24 20.48 -3.08
C LEU A 218 -33.50 19.97 -2.38
N GLY A 219 -33.64 20.30 -1.10
CA GLY A 219 -34.83 19.96 -0.34
C GLY A 219 -34.74 18.65 0.44
N ILE A 220 -33.60 17.99 0.36
CA ILE A 220 -33.38 16.75 1.12
C ILE A 220 -32.89 17.09 2.51
N ASN A 221 -33.40 16.40 3.53
CA ASN A 221 -32.88 16.58 4.88
C ASN A 221 -31.51 15.92 5.06
N ALA A 222 -30.49 16.48 4.42
CA ALA A 222 -29.15 15.94 4.55
C ALA A 222 -28.32 16.71 5.56
N VAL A 223 -27.56 15.98 6.37
CA VAL A 223 -26.74 16.58 7.42
C VAL A 223 -25.35 15.94 7.32
N ALA A 224 -24.32 16.66 7.74
CA ALA A 224 -22.95 16.21 7.54
C ALA A 224 -22.28 15.83 8.86
N TYR A 225 -21.52 14.75 8.84
CA TYR A 225 -20.75 14.41 10.04
C TYR A 225 -19.28 14.16 9.71
N TYR A 226 -18.43 14.51 10.68
CA TYR A 226 -16.99 14.26 10.64
C TYR A 226 -16.40 14.68 11.99
N ARG A 227 -15.11 14.40 12.21
CA ARG A 227 -14.51 14.64 13.52
C ARG A 227 -14.44 16.14 13.81
N GLY A 228 -14.80 16.48 15.05
CA GLY A 228 -15.03 17.87 15.43
C GLY A 228 -16.49 18.05 15.78
N LEU A 229 -17.37 17.68 14.85
CA LEU A 229 -18.81 17.67 15.09
C LEU A 229 -19.16 16.56 16.06
N ASP A 230 -20.29 16.71 16.76
CA ASP A 230 -20.72 15.65 17.67
C ASP A 230 -21.89 14.88 17.07
N VAL A 231 -21.92 13.58 17.36
CA VAL A 231 -22.84 12.63 16.75
C VAL A 231 -24.30 13.00 17.03
N SER A 232 -24.52 13.72 18.12
CA SER A 232 -25.83 14.21 18.50
C SER A 232 -26.53 14.97 17.37
N VAL A 233 -25.74 15.61 16.51
CA VAL A 233 -26.26 16.41 15.39
C VAL A 233 -26.97 15.54 14.35
N ILE A 234 -26.81 14.23 14.48
CA ILE A 234 -27.44 13.30 13.55
C ILE A 234 -28.84 12.94 14.00
N PRO A 235 -29.83 13.20 13.12
CA PRO A 235 -31.25 12.88 13.31
C PRO A 235 -31.51 11.43 13.71
N THR A 236 -31.64 11.19 15.01
CA THR A 236 -31.97 9.86 15.52
C THR A 236 -33.33 9.38 14.97
N ASN A 237 -33.26 8.57 13.93
CA ASN A 237 -34.40 8.07 13.14
C ASN A 237 -35.37 9.14 12.61
N GLY A 238 -36.10 8.76 11.55
CA GLY A 238 -36.85 9.71 10.75
C GLY A 238 -36.05 10.11 9.51
N ASP A 239 -36.71 10.18 8.35
CA ASP A 239 -36.05 10.34 7.04
C ASP A 239 -34.91 11.35 6.96
N VAL A 240 -33.77 10.88 6.43
CA VAL A 240 -32.56 11.67 6.43
C VAL A 240 -31.54 11.08 5.45
N VAL A 241 -30.63 11.91 4.98
CA VAL A 241 -29.48 11.42 4.20
C VAL A 241 -28.22 11.96 4.86
N VAL A 242 -27.42 11.07 5.42
CA VAL A 242 -26.22 11.50 6.13
C VAL A 242 -25.01 11.42 5.20
N VAL A 243 -24.20 12.47 5.21
CA VAL A 243 -23.03 12.55 4.35
C VAL A 243 -21.81 12.58 5.25
N SER A 244 -21.09 11.46 5.30
CA SER A 244 -20.12 11.26 6.36
C SER A 244 -18.76 10.81 5.86
N THR A 245 -17.72 11.22 6.58
CA THR A 245 -16.45 10.53 6.51
C THR A 245 -16.58 9.22 7.27
N ASP A 246 -15.45 8.57 7.56
CA ASP A 246 -15.45 7.33 8.31
C ASP A 246 -15.68 7.56 9.81
N ALA A 247 -15.60 8.81 10.22
CA ALA A 247 -15.64 9.16 11.64
C ALA A 247 -17.01 8.91 12.28
N LEU A 248 -17.57 7.73 12.09
CA LEU A 248 -18.87 7.38 12.66
C LEU A 248 -18.91 5.95 13.20
N GLY A 254 -27.55 3.77 14.84
CA GLY A 254 -28.67 3.66 13.93
C GLY A 254 -28.32 2.87 12.68
N ASP A 255 -29.28 2.67 11.78
CA ASP A 255 -28.99 1.94 10.55
C ASP A 255 -29.91 2.43 9.41
N PHE A 256 -29.42 2.24 8.18
CA PHE A 256 -29.91 2.93 7.01
C PHE A 256 -30.46 1.97 5.97
N ASP A 257 -31.17 2.52 4.99
CA ASP A 257 -31.79 1.71 3.97
C ASP A 257 -30.77 1.33 2.90
N SER A 258 -29.74 2.16 2.74
CA SER A 258 -28.66 1.90 1.79
C SER A 258 -27.38 2.63 2.15
N VAL A 259 -26.25 2.14 1.63
CA VAL A 259 -24.98 2.86 1.73
C VAL A 259 -24.46 3.24 0.36
N ILE A 260 -24.02 4.49 0.26
CA ILE A 260 -23.39 5.03 -0.95
C ILE A 260 -21.94 5.41 -0.63
N ASP A 261 -21.01 4.83 -1.40
CA ASP A 261 -19.58 4.76 -1.05
C ASP A 261 -18.64 5.32 -2.15
N CYS A 262 -17.97 6.44 -1.89
CA CYS A 262 -16.95 6.91 -2.84
C CYS A 262 -15.78 5.93 -3.02
N ASN A 263 -15.66 4.97 -2.10
CA ASN A 263 -14.64 3.91 -2.15
C ASN A 263 -13.20 4.40 -2.03
N THR A 264 -13.02 5.60 -1.50
CA THR A 264 -11.68 6.08 -1.27
C THR A 264 -11.55 6.58 0.16
N CYS A 265 -10.34 6.57 0.69
N CYS A 265 -10.33 6.53 0.69
CA CYS A 265 -10.09 7.02 2.05
CA CYS A 265 -10.03 6.99 2.05
C CYS A 265 -8.86 7.92 2.12
C CYS A 265 -8.91 8.01 2.05
N VAL A 266 -8.89 8.84 3.07
CA VAL A 266 -7.76 9.72 3.33
C VAL A 266 -6.87 9.08 4.42
N THR A 267 -5.62 8.80 4.10
CA THR A 267 -4.74 8.13 5.05
C THR A 267 -3.45 8.92 5.30
N GLN A 268 -2.83 8.69 6.45
CA GLN A 268 -1.61 9.38 6.83
C GLN A 268 -0.39 8.65 6.27
N THR A 269 0.52 9.40 5.66
CA THR A 269 1.74 8.81 5.12
C THR A 269 2.92 9.68 5.44
N VAL A 270 4.11 9.09 5.45
CA VAL A 270 5.31 9.88 5.60
C VAL A 270 5.98 10.00 4.23
N ASP A 271 6.43 11.20 3.92
CA ASP A 271 7.27 11.41 2.77
C ASP A 271 8.70 11.81 3.23
N PHE A 272 9.69 11.03 2.82
CA PHE A 272 11.07 11.37 3.08
C PHE A 272 11.50 12.40 2.08
N SER A 273 11.06 13.62 2.31
CA SER A 273 11.08 14.68 1.32
C SER A 273 12.39 15.47 1.25
N LEU A 274 13.23 15.31 2.27
CA LEU A 274 14.56 15.90 2.32
C LEU A 274 14.53 17.42 2.24
N ASP A 275 13.49 18.00 2.81
CA ASP A 275 13.32 19.45 2.76
C ASP A 275 13.02 20.05 4.14
N PRO A 276 13.88 19.77 5.15
CA PRO A 276 15.17 19.06 5.14
C PRO A 276 15.10 17.56 5.38
N THR A 277 14.02 17.08 5.99
CA THR A 277 14.03 15.70 6.45
C THR A 277 12.81 14.91 5.97
N PHE A 278 11.76 14.86 6.79
CA PHE A 278 10.58 14.10 6.39
C PHE A 278 9.31 14.97 6.54
N THR A 279 8.23 14.49 5.95
CA THR A 279 6.92 15.17 6.00
C THR A 279 5.86 14.18 6.39
N ILE A 280 5.06 14.53 7.39
CA ILE A 280 3.83 13.82 7.63
C ILE A 280 2.74 14.53 6.84
N GLU A 281 2.07 13.79 5.97
CA GLU A 281 1.00 14.35 5.15
C GLU A 281 -0.09 13.30 4.97
N THR A 282 -1.11 13.65 4.19
CA THR A 282 -2.22 12.75 3.90
C THR A 282 -2.26 12.43 2.42
N THR A 283 -2.86 11.30 2.11
CA THR A 283 -3.01 10.83 0.74
C THR A 283 -4.38 10.21 0.61
N THR A 284 -4.98 10.37 -0.56
CA THR A 284 -6.24 9.70 -0.87
C THR A 284 -5.95 8.44 -1.68
N LEU A 285 -6.35 7.29 -1.14
CA LEU A 285 -6.12 6.01 -1.79
C LEU A 285 -7.45 5.29 -1.97
N PRO A 286 -7.50 4.31 -2.88
CA PRO A 286 -8.65 3.38 -2.85
C PRO A 286 -8.76 2.75 -1.46
N GLN A 287 -9.98 2.55 -1.01
CA GLN A 287 -10.23 1.99 0.31
C GLN A 287 -9.69 0.55 0.35
N ASP A 288 -9.26 0.08 1.51
CA ASP A 288 -8.86 -1.32 1.59
C ASP A 288 -10.09 -2.15 1.98
N ALA A 289 -9.90 -3.46 2.14
CA ALA A 289 -11.02 -4.36 2.37
C ALA A 289 -11.72 -4.11 3.71
N VAL A 290 -10.98 -3.68 4.73
CA VAL A 290 -11.60 -3.40 6.01
C VAL A 290 -12.53 -2.19 5.89
N SER A 291 -12.08 -1.18 5.16
CA SER A 291 -12.88 0.01 4.96
C SER A 291 -14.20 -0.33 4.26
N ARG A 292 -14.10 -1.12 3.20
CA ARG A 292 -15.24 -1.40 2.36
C ARG A 292 -16.28 -2.23 3.09
N THR A 293 -15.83 -3.23 3.83
CA THR A 293 -16.73 -4.10 4.55
C THR A 293 -17.46 -3.33 5.63
N GLN A 294 -16.71 -2.51 6.37
CA GLN A 294 -17.30 -1.67 7.38
C GLN A 294 -18.31 -0.66 6.81
N ARG A 295 -17.92 0.06 5.74
CA ARG A 295 -18.82 1.08 5.20
C ARG A 295 -20.09 0.39 4.70
N ARG A 296 -19.92 -0.72 3.98
CA ARG A 296 -21.02 -1.52 3.53
C ARG A 296 -21.87 -2.04 4.69
N GLY A 297 -21.20 -2.35 5.79
CA GLY A 297 -21.83 -2.99 6.93
C GLY A 297 -22.83 -2.14 7.69
N ARG A 298 -22.83 -0.84 7.44
CA ARG A 298 -23.77 0.06 8.10
C ARG A 298 -25.18 -0.07 7.53
N THR A 299 -25.36 -0.96 6.56
CA THR A 299 -26.68 -1.27 6.03
C THR A 299 -26.85 -2.79 5.96
N GLY A 300 -28.10 -3.24 5.93
CA GLY A 300 -28.37 -4.67 5.83
C GLY A 300 -28.31 -5.41 7.16
N ARG A 301 -28.38 -4.66 8.26
CA ARG A 301 -28.38 -5.25 9.60
C ARG A 301 -29.76 -5.82 9.95
N GLY A 302 -29.97 -7.09 9.65
CA GLY A 302 -31.28 -7.71 9.74
C GLY A 302 -32.09 -7.50 8.47
N LYS A 303 -32.61 -6.29 8.32
CA LYS A 303 -33.35 -5.89 7.12
C LYS A 303 -32.44 -5.84 5.89
N PRO A 304 -32.91 -6.31 4.73
CA PRO A 304 -32.13 -6.22 3.48
C PRO A 304 -31.73 -4.78 3.13
N GLY A 305 -30.43 -4.52 2.94
CA GLY A 305 -29.94 -3.20 2.58
C GLY A 305 -29.39 -3.13 1.17
N ILE A 306 -29.08 -1.93 0.71
CA ILE A 306 -28.50 -1.74 -0.63
C ILE A 306 -27.14 -1.00 -0.58
N TYR A 307 -26.16 -1.47 -1.33
CA TYR A 307 -24.84 -0.83 -1.40
C TYR A 307 -24.52 -0.28 -2.78
N ARG A 308 -24.31 1.03 -2.87
CA ARG A 308 -23.84 1.64 -4.13
C ARG A 308 -22.38 2.08 -4.09
N PHE A 309 -21.65 1.74 -5.15
CA PHE A 309 -20.22 2.02 -5.23
C PHE A 309 -19.77 2.71 -6.52
N VAL A 310 -18.89 3.69 -6.34
CA VAL A 310 -18.17 4.32 -7.43
C VAL A 310 -17.25 3.31 -8.15
N ALA A 311 -16.58 2.46 -7.39
CA ALA A 311 -15.54 1.58 -7.94
C ALA A 311 -15.64 0.14 -7.42
N PRO A 312 -15.47 -0.84 -8.32
CA PRO A 312 -15.67 -2.27 -8.01
C PRO A 312 -14.52 -2.89 -7.25
N GLY A 313 -13.36 -2.24 -7.25
CA GLY A 313 -12.18 -2.82 -6.63
C GLY A 313 -11.81 -2.21 -5.29
N GLU A 314 -10.79 -2.79 -4.67
CA GLU A 314 -10.33 -2.38 -3.36
C GLU A 314 -8.94 -2.94 -3.10
N ARG A 315 -8.14 -2.22 -2.33
CA ARG A 315 -6.88 -2.79 -1.85
C ARG A 315 -7.15 -3.94 -0.87
N PRO A 316 -6.38 -5.03 -0.96
CA PRO A 316 -6.51 -6.04 0.10
C PRO A 316 -6.07 -5.46 1.44
N SER A 317 -6.59 -5.97 2.55
CA SER A 317 -6.17 -5.45 3.85
C SER A 317 -4.75 -5.96 4.16
N GLY A 318 -4.08 -5.33 5.13
CA GLY A 318 -2.86 -5.90 5.69
C GLY A 318 -1.60 -5.08 5.59
N MET A 319 -1.69 -3.87 5.06
CA MET A 319 -0.51 -3.00 5.07
C MET A 319 -0.75 -1.73 5.85
N PHE A 320 0.31 -1.20 6.45
CA PHE A 320 0.22 0.14 7.03
C PHE A 320 1.49 0.93 6.78
N ASP A 321 1.42 2.22 7.07
CA ASP A 321 2.47 3.12 6.66
C ASP A 321 3.52 3.37 7.75
N SER A 322 4.72 3.72 7.32
CA SER A 322 5.83 4.00 8.22
C SER A 322 5.50 5.12 9.20
N SER A 323 4.61 6.02 8.82
CA SER A 323 4.20 7.12 9.69
C SER A 323 3.50 6.60 10.94
N VAL A 324 2.92 5.41 10.87
CA VAL A 324 2.32 4.81 12.06
C VAL A 324 3.43 4.37 13.05
N LEU A 325 4.58 3.95 12.53
CA LEU A 325 5.74 3.61 13.37
C LEU A 325 6.22 4.85 14.12
N CYS A 326 6.31 5.96 13.40
CA CYS A 326 6.65 7.24 14.01
C CYS A 326 5.69 7.53 15.17
N GLU A 327 4.41 7.29 14.96
CA GLU A 327 3.41 7.50 16.01
C GLU A 327 3.71 6.66 17.26
N CYS A 328 4.06 5.39 17.05
CA CYS A 328 4.35 4.49 18.16
C CYS A 328 5.47 5.07 19.03
N TYR A 329 6.55 5.53 18.38
CA TYR A 329 7.65 6.13 19.14
C TYR A 329 7.20 7.42 19.81
N ASP A 330 6.39 8.22 19.10
CA ASP A 330 5.88 9.46 19.68
C ASP A 330 5.07 9.14 20.93
N ALA A 331 4.19 8.16 20.85
CA ALA A 331 3.36 7.80 21.99
C ALA A 331 4.18 7.14 23.11
N GLY A 332 5.13 6.27 22.74
CA GLY A 332 6.06 5.71 23.72
C GLY A 332 6.73 6.81 24.56
N CYS A 333 7.25 7.83 23.89
CA CYS A 333 7.89 8.97 24.58
C CYS A 333 6.89 9.89 25.29
N ALA A 334 5.70 10.07 24.73
CA ALA A 334 4.79 11.07 25.26
C ALA A 334 3.90 10.55 26.37
N TRP A 335 3.43 9.32 26.23
CA TRP A 335 2.40 8.78 27.11
C TRP A 335 2.86 7.69 28.07
N TYR A 336 3.92 6.96 27.70
CA TYR A 336 4.17 5.65 28.31
C TYR A 336 5.57 5.55 28.88
N GLU A 337 6.30 6.66 28.84
CA GLU A 337 7.64 6.76 29.35
C GLU A 337 8.55 5.65 28.84
N LEU A 338 8.46 5.33 27.56
CA LEU A 338 9.37 4.35 26.96
C LEU A 338 10.54 5.02 26.29
N MET A 339 11.74 4.59 26.62
CA MET A 339 12.90 4.94 25.82
C MET A 339 12.65 4.37 24.42
N PRO A 340 13.14 5.06 23.39
CA PRO A 340 13.00 4.57 22.01
C PRO A 340 13.44 3.11 21.83
N ALA A 341 14.55 2.73 22.47
CA ALA A 341 15.06 1.36 22.38
C ALA A 341 14.05 0.35 22.95
N GLU A 342 13.31 0.74 23.98
CA GLU A 342 12.26 -0.10 24.56
C GLU A 342 11.07 -0.24 23.61
N THR A 343 10.66 0.86 22.97
CA THR A 343 9.59 0.79 21.97
C THR A 343 10.04 -0.08 20.80
N THR A 344 11.32 0.00 20.44
CA THR A 344 11.83 -0.86 19.37
C THR A 344 11.72 -2.35 19.70
N VAL A 345 11.92 -2.71 20.97
CA VAL A 345 11.86 -4.13 21.35
C VAL A 345 10.41 -4.65 21.14
N ARG A 346 9.43 -3.86 21.57
CA ARG A 346 8.03 -4.24 21.41
C ARG A 346 7.61 -4.31 19.94
N LEU A 347 7.95 -3.28 19.16
CA LEU A 347 7.62 -3.24 17.75
C LEU A 347 8.34 -4.35 16.96
N ARG A 348 9.56 -4.72 17.37
CA ARG A 348 10.30 -5.78 16.70
C ARG A 348 9.57 -7.11 16.87
N ALA A 349 9.08 -7.35 18.08
CA ALA A 349 8.25 -8.51 18.34
C ALA A 349 7.02 -8.55 17.40
N TYR A 350 6.44 -7.39 17.14
CA TYR A 350 5.28 -7.33 16.23
C TYR A 350 5.74 -7.75 14.82
N MET A 351 6.85 -7.19 14.38
CA MET A 351 7.28 -7.42 13.01
C MET A 351 7.90 -8.79 12.79
N ASN A 352 8.39 -9.44 13.84
CA ASN A 352 8.88 -10.81 13.73
C ASN A 352 7.75 -11.85 13.77
N THR A 353 6.54 -11.44 14.13
CA THR A 353 5.40 -12.37 14.27
C THR A 353 4.65 -12.51 12.94
N PRO A 354 4.48 -13.74 12.42
CA PRO A 354 3.81 -13.90 11.12
C PRO A 354 2.29 -13.67 11.20
N GLY A 355 1.64 -13.37 10.07
CA GLY A 355 0.19 -13.28 10.01
C GLY A 355 -0.37 -11.96 10.51
N LEU A 356 0.45 -10.93 10.50
CA LEU A 356 0.05 -9.60 10.96
C LEU A 356 0.25 -8.59 9.85
N PRO A 357 -0.44 -7.45 9.93
CA PRO A 357 -0.25 -6.42 8.90
C PRO A 357 1.22 -6.05 8.78
N VAL A 358 1.67 -5.68 7.57
CA VAL A 358 3.08 -5.37 7.39
C VAL A 358 3.31 -3.93 7.02
N CYS A 359 4.50 -3.46 7.37
N CYS A 359 4.49 -3.44 7.38
CA CYS A 359 4.94 -2.10 7.10
CA CYS A 359 4.92 -2.10 7.03
C CYS A 359 6.42 -2.09 6.75
C CYS A 359 6.41 -2.10 6.70
N GLN A 360 6.89 -0.99 6.16
CA GLN A 360 8.32 -0.82 5.91
C GLN A 360 9.08 -0.99 7.24
N ASP A 361 10.22 -1.66 7.19
CA ASP A 361 10.99 -1.84 8.40
C ASP A 361 11.82 -0.59 8.69
N HIS A 362 11.23 0.35 9.41
CA HIS A 362 11.88 1.62 9.68
C HIS A 362 12.14 1.81 11.18
N LEU A 363 12.26 0.71 11.89
CA LEU A 363 12.42 0.79 13.34
C LEU A 363 13.72 1.51 13.73
N GLU A 364 14.81 1.24 13.01
CA GLU A 364 16.09 1.84 13.34
C GLU A 364 16.01 3.33 13.11
N PHE A 365 15.48 3.72 11.96
CA PHE A 365 15.34 5.14 11.65
C PHE A 365 14.55 5.91 12.74
N TRP A 366 13.36 5.46 13.11
CA TRP A 366 12.54 6.22 14.05
C TRP A 366 13.11 6.17 15.46
N GLU A 367 13.64 5.00 15.86
CA GLU A 367 14.38 4.91 17.12
C GLU A 367 15.46 5.98 17.15
N GLY A 368 16.24 6.06 16.07
CA GLY A 368 17.27 7.07 15.94
C GLY A 368 16.76 8.49 16.11
N VAL A 369 15.72 8.84 15.33
CA VAL A 369 15.16 10.18 15.36
C VAL A 369 14.78 10.57 16.79
N PHE A 370 13.94 9.76 17.43
CA PHE A 370 13.43 10.10 18.75
C PHE A 370 14.50 10.09 19.85
N THR A 371 15.54 9.27 19.69
CA THR A 371 16.62 9.20 20.68
C THR A 371 17.42 10.52 20.67
N GLY A 372 17.45 11.20 19.53
CA GLY A 372 18.17 12.45 19.41
C GLY A 372 17.42 13.65 19.98
N LEU A 373 16.14 13.49 20.30
CA LEU A 373 15.32 14.60 20.74
C LEU A 373 15.35 14.70 22.26
N THR A 374 16.35 15.37 22.80
CA THR A 374 16.59 15.43 24.24
C THR A 374 16.17 16.73 24.88
N HIS A 375 15.82 16.65 26.15
CA HIS A 375 15.47 17.80 26.96
C HIS A 375 14.29 18.56 26.37
N ILE A 376 13.21 17.84 26.09
CA ILE A 376 12.00 18.47 25.63
C ILE A 376 11.44 19.33 26.75
N ASP A 377 10.74 20.40 26.40
CA ASP A 377 10.10 21.28 27.38
C ASP A 377 8.86 20.59 27.93
N ALA A 378 8.90 20.20 29.20
CA ALA A 378 7.86 19.38 29.79
C ALA A 378 6.51 20.08 29.78
N HIS A 379 6.53 21.40 29.89
CA HIS A 379 5.28 22.13 29.87
C HIS A 379 4.68 22.07 28.45
N PHE A 380 5.50 22.23 27.42
CA PHE A 380 5.00 22.19 26.04
C PHE A 380 4.39 20.81 25.73
N LEU A 381 5.05 19.74 26.19
CA LEU A 381 4.59 18.38 25.97
C LEU A 381 3.22 18.16 26.62
N SER A 382 3.07 18.67 27.84
CA SER A 382 1.80 18.59 28.55
C SER A 382 0.67 19.27 27.80
N GLN A 383 0.97 20.41 27.18
CA GLN A 383 -0.05 21.12 26.39
C GLN A 383 -0.41 20.39 25.10
N THR A 384 0.59 19.91 24.36
CA THR A 384 0.28 19.19 23.13
C THR A 384 -0.45 17.87 23.42
N LYS A 385 -0.11 17.21 24.52
CA LYS A 385 -0.86 16.02 24.93
C LYS A 385 -2.32 16.41 25.23
N GLN A 386 -2.46 17.46 26.03
CA GLN A 386 -3.77 18.03 26.36
C GLN A 386 -4.65 18.41 25.17
N SER A 387 -4.07 19.08 24.17
CA SER A 387 -4.88 19.62 23.08
C SER A 387 -5.12 18.60 22.00
N GLY A 388 -4.65 17.37 22.20
CA GLY A 388 -4.94 16.28 21.28
C GLY A 388 -4.29 16.32 19.90
N GLU A 389 -3.13 16.95 19.79
CA GLU A 389 -2.34 16.96 18.54
C GLU A 389 -1.93 15.53 18.15
N ASN A 390 -1.73 15.28 16.86
CA ASN A 390 -1.38 13.95 16.35
C ASN A 390 0.02 13.42 16.75
N PHE A 391 1.00 14.30 16.85
CA PHE A 391 2.35 13.87 17.25
C PHE A 391 2.83 14.80 18.37
N PRO A 392 2.22 14.66 19.56
CA PRO A 392 2.44 15.60 20.65
C PRO A 392 3.92 15.79 20.92
N TYR A 393 4.67 14.69 20.90
CA TYR A 393 6.10 14.79 21.19
C TYR A 393 6.83 15.56 20.10
N LEU A 394 6.62 15.19 18.83
CA LEU A 394 7.22 15.93 17.71
C LEU A 394 6.82 17.42 17.70
N VAL A 395 5.55 17.70 17.95
CA VAL A 395 5.11 19.10 18.01
C VAL A 395 5.74 19.86 19.17
N ALA A 396 5.64 19.31 20.38
CA ALA A 396 6.25 19.95 21.53
C ALA A 396 7.77 20.07 21.38
N TYR A 397 8.42 19.12 20.71
CA TYR A 397 9.87 19.24 20.54
C TYR A 397 10.28 20.35 19.56
N GLN A 398 9.57 20.46 18.45
CA GLN A 398 9.85 21.55 17.51
C GLN A 398 9.65 22.90 18.23
N ALA A 399 8.55 23.03 18.96
CA ALA A 399 8.27 24.25 19.71
C ALA A 399 9.37 24.48 20.74
N THR A 400 9.89 23.40 21.31
CA THR A 400 10.99 23.51 22.25
C THR A 400 12.20 24.10 21.55
N VAL A 401 12.50 23.61 20.35
CA VAL A 401 13.66 24.11 19.62
C VAL A 401 13.45 25.56 19.23
N CYS A 402 12.22 25.92 18.84
CA CYS A 402 11.87 27.29 18.46
C CYS A 402 12.05 28.27 19.61
N ALA A 403 11.51 27.94 20.79
CA ALA A 403 11.62 28.81 21.95
C ALA A 403 13.08 29.04 22.34
N ARG A 404 13.88 28.00 22.33
CA ARG A 404 15.24 28.18 22.83
C ARG A 404 16.12 28.91 21.81
N ALA A 405 15.68 28.95 20.55
CA ALA A 405 16.35 29.77 19.55
C ALA A 405 15.70 31.15 19.44
N GLN A 406 14.65 31.36 20.23
CA GLN A 406 13.83 32.55 20.16
C GLN A 406 13.39 32.78 18.71
N ALA A 407 13.00 31.70 18.05
CA ALA A 407 12.47 31.75 16.68
C ALA A 407 11.00 31.37 16.69
N PRO A 408 10.25 31.78 15.67
CA PRO A 408 8.83 31.43 15.56
C PRO A 408 8.58 29.98 15.17
N PRO A 409 7.42 29.43 15.54
CA PRO A 409 7.02 28.11 15.05
C PRO A 409 6.95 28.10 13.51
N PRO A 410 6.76 26.92 12.90
CA PRO A 410 6.73 26.87 11.44
C PRO A 410 5.48 27.56 10.86
N SER A 411 4.42 27.72 11.66
CA SER A 411 3.25 28.51 11.28
C SER A 411 2.53 28.98 12.53
N TRP A 412 1.39 29.64 12.40
CA TRP A 412 0.63 29.98 13.62
C TRP A 412 -0.72 29.26 13.64
N ASP A 413 -0.80 28.20 12.84
CA ASP A 413 -1.81 27.15 12.97
C ASP A 413 -1.92 26.72 14.44
N GLN A 414 -3.09 26.27 14.85
CA GLN A 414 -3.38 25.95 16.26
C GLN A 414 -2.45 24.89 16.85
N MET A 415 -1.88 24.07 15.98
CA MET A 415 -0.86 23.09 16.37
C MET A 415 0.22 23.72 17.26
N TRP A 416 0.57 24.97 16.98
CA TRP A 416 1.67 25.65 17.68
C TRP A 416 1.26 26.64 18.75
N LYS A 417 0.10 26.43 19.37
CA LYS A 417 -0.42 27.46 20.26
C LYS A 417 0.24 27.45 21.63
N CYS A 418 1.13 26.51 21.89
CA CYS A 418 1.86 26.53 23.17
C CYS A 418 2.91 27.64 23.14
N LEU A 419 3.17 28.16 21.95
CA LEU A 419 4.09 29.26 21.78
C LEU A 419 3.39 30.64 21.68
N ILE A 420 2.13 30.76 22.09
CA ILE A 420 1.39 32.01 21.89
C ILE A 420 2.11 33.20 22.53
N ARG A 421 2.96 32.97 23.52
CA ARG A 421 3.86 34.06 23.93
C ARG A 421 4.87 34.38 22.79
N LEU A 422 4.24 34.81 21.70
CA LEU A 422 4.72 35.05 20.34
C LEU A 422 5.71 36.20 20.27
N LYS A 423 5.47 37.19 21.13
CA LYS A 423 6.07 38.53 21.01
C LYS A 423 7.61 38.53 21.02
N PRO A 424 8.28 37.72 21.88
CA PRO A 424 9.74 37.64 21.75
C PRO A 424 10.22 36.67 20.68
N THR A 425 9.60 35.50 20.59
CA THR A 425 10.06 34.46 19.66
C THR A 425 9.61 34.70 18.23
N LEU A 426 9.82 35.94 17.78
CA LEU A 426 9.64 36.28 16.36
C LEU A 426 10.93 36.49 15.63
N HIS A 427 12.02 36.36 16.35
CA HIS A 427 13.27 36.65 15.70
C HIS A 427 13.49 35.58 14.63
N GLY A 428 12.91 35.87 13.46
CA GLY A 428 13.39 35.38 12.19
C GLY A 428 12.91 34.02 11.72
N PRO A 429 13.81 33.31 11.05
CA PRO A 429 13.60 32.00 10.42
C PRO A 429 13.33 30.89 11.44
N THR A 430 12.53 29.90 11.04
CA THR A 430 12.25 28.73 11.86
C THR A 430 13.31 27.65 11.67
N PRO A 431 13.86 27.16 12.79
CA PRO A 431 14.80 26.04 12.78
C PRO A 431 14.02 24.76 12.52
N LEU A 432 13.92 24.34 11.26
CA LEU A 432 12.91 23.36 10.87
C LEU A 432 13.48 21.96 10.97
N LEU A 433 12.88 21.16 11.84
CA LEU A 433 13.35 19.80 12.09
C LEU A 433 12.70 18.81 11.14
N TYR A 434 11.45 19.11 10.80
CA TYR A 434 10.58 18.23 10.01
C TYR A 434 9.27 18.95 9.66
N ARG A 435 8.47 18.38 8.78
CA ARG A 435 7.23 19.05 8.40
C ARG A 435 6.02 18.26 8.86
N LEU A 436 5.24 18.84 9.76
CA LEU A 436 4.07 18.18 10.36
C LEU A 436 2.79 18.75 9.76
N GLY A 437 2.97 19.75 8.92
CA GLY A 437 1.88 20.39 8.23
C GLY A 437 2.45 21.48 7.35
N ALA A 438 1.60 22.45 7.01
CA ALA A 438 2.01 23.53 6.14
C ALA A 438 3.00 24.45 6.86
N VAL A 439 4.05 24.84 6.16
CA VAL A 439 5.03 25.75 6.73
C VAL A 439 4.86 27.13 6.12
N GLN A 440 4.71 28.14 6.98
CA GLN A 440 4.41 29.48 6.51
C GLN A 440 5.53 30.48 6.82
N ASN A 441 6.26 30.28 7.92
CA ASN A 441 7.41 31.15 8.16
C ASN A 441 8.55 30.79 7.21
N GLU A 442 9.48 31.72 7.03
CA GLU A 442 10.79 31.42 6.46
C GLU A 442 11.54 30.42 7.38
N VAL A 443 12.39 29.58 6.82
CA VAL A 443 13.02 28.52 7.60
C VAL A 443 14.53 28.49 7.44
N THR A 444 15.20 27.97 8.46
CA THR A 444 16.63 27.70 8.39
C THR A 444 16.79 26.20 8.59
N LEU A 445 17.76 25.60 7.92
CA LEU A 445 17.88 24.16 7.85
C LEU A 445 19.15 23.58 8.49
N THR A 446 19.85 24.36 9.31
CA THR A 446 21.15 23.93 9.80
C THR A 446 21.20 23.72 11.31
N HIS A 447 20.04 23.61 11.95
CA HIS A 447 20.01 23.24 13.37
C HIS A 447 20.65 21.85 13.58
N PRO A 448 21.42 21.69 14.67
CA PRO A 448 22.04 20.38 14.95
C PRO A 448 21.01 19.21 14.97
N ILE A 449 19.82 19.47 15.49
CA ILE A 449 18.82 18.39 15.46
C ILE A 449 18.38 18.07 14.03
N THR A 450 18.22 19.10 13.19
CA THR A 450 17.89 18.88 11.79
C THR A 450 19.00 18.03 11.10
N LYS A 451 20.25 18.41 11.34
CA LYS A 451 21.40 17.69 10.77
C LYS A 451 21.48 16.26 11.33
N TYR A 452 21.19 16.12 12.61
CA TYR A 452 21.09 14.82 13.25
C TYR A 452 20.04 13.93 12.54
N ILE A 453 18.86 14.46 12.26
CA ILE A 453 17.84 13.63 11.62
C ILE A 453 18.27 13.25 10.21
N MET A 454 18.87 14.20 9.49
CA MET A 454 19.42 13.92 8.15
C MET A 454 20.46 12.80 8.20
N THR A 455 21.29 12.82 9.22
CA THR A 455 22.27 11.75 9.36
C THR A 455 21.57 10.41 9.64
N CYS A 456 20.59 10.41 10.53
CA CYS A 456 19.78 9.21 10.75
C CYS A 456 19.17 8.70 9.45
N MET A 457 18.69 9.61 8.61
CA MET A 457 18.14 9.20 7.30
C MET A 457 19.19 8.49 6.44
N SER A 458 20.38 9.08 6.33
CA SER A 458 21.47 8.39 5.61
C SER A 458 21.81 7.05 6.25
N ALA A 459 21.80 7.00 7.58
CA ALA A 459 22.22 5.80 8.28
C ALA A 459 21.21 4.65 8.19
N ASP A 460 19.92 4.95 8.27
CA ASP A 460 18.95 3.88 8.52
C ASP A 460 17.91 3.65 7.44
N LEU A 461 17.85 4.53 6.44
CA LEU A 461 16.94 4.33 5.33
C LEU A 461 17.71 3.74 4.15
N GLU A 462 17.17 2.66 3.57
CA GLU A 462 17.79 2.02 2.41
C GLU A 462 17.62 2.90 1.17
N VAL A 463 18.68 2.96 0.37
CA VAL A 463 18.74 3.82 -0.80
C VAL A 463 18.31 3.04 -2.06
N VAL A 464 17.90 3.79 -3.10
CA VAL A 464 17.52 3.27 -4.42
C VAL A 464 16.17 2.57 -4.39
N ASN B 21 -13.22 -18.81 -9.15
CA ASN B 21 -13.42 -19.72 -10.27
C ASN B 21 -12.16 -20.57 -10.50
N SER B 22 -12.31 -21.89 -10.38
CA SER B 22 -11.14 -22.79 -10.34
C SER B 22 -10.96 -23.67 -11.59
N SER B 23 -11.97 -23.71 -12.47
CA SER B 23 -11.89 -24.48 -13.72
C SER B 23 -12.51 -23.70 -14.89
N PRO B 24 -12.06 -23.98 -16.13
CA PRO B 24 -12.46 -23.24 -17.34
C PRO B 24 -13.94 -22.89 -17.43
N PRO B 25 -14.26 -21.60 -17.52
CA PRO B 25 -15.64 -21.13 -17.70
C PRO B 25 -16.25 -21.68 -18.97
N ALA B 26 -17.43 -22.28 -18.85
CA ALA B 26 -18.19 -22.70 -20.02
C ALA B 26 -18.53 -21.46 -20.85
N VAL B 27 -18.54 -21.63 -22.17
CA VAL B 27 -18.88 -20.55 -23.09
C VAL B 27 -20.32 -20.12 -22.94
N PRO B 28 -20.55 -18.86 -22.56
CA PRO B 28 -21.88 -18.33 -22.28
C PRO B 28 -22.64 -18.07 -23.57
N GLN B 29 -23.89 -17.62 -23.48
CA GLN B 29 -24.69 -17.44 -24.71
C GLN B 29 -24.69 -16.01 -25.19
N SER B 30 -24.50 -15.09 -24.26
CA SER B 30 -24.22 -13.70 -24.60
C SER B 30 -22.81 -13.39 -24.14
N PHE B 31 -22.27 -12.24 -24.53
CA PHE B 31 -20.90 -11.91 -24.16
C PHE B 31 -20.71 -11.80 -22.65
N GLN B 32 -19.70 -12.47 -22.11
CA GLN B 32 -19.39 -12.32 -20.68
C GLN B 32 -17.89 -12.16 -20.41
N VAL B 33 -17.57 -11.64 -19.23
CA VAL B 33 -16.19 -11.62 -18.74
C VAL B 33 -16.06 -12.55 -17.54
N ALA B 34 -15.35 -13.65 -17.73
CA ALA B 34 -15.15 -14.62 -16.66
C ALA B 34 -13.76 -14.49 -16.02
N HIS B 35 -13.60 -15.00 -14.80
CA HIS B 35 -12.30 -15.07 -14.16
C HIS B 35 -11.87 -16.50 -14.02
N LEU B 36 -10.57 -16.74 -14.03
CA LEU B 36 -10.07 -18.06 -13.81
C LEU B 36 -8.92 -17.99 -12.81
N HIS B 37 -9.20 -18.36 -11.57
N HIS B 37 -9.23 -18.24 -11.54
CA HIS B 37 -8.17 -18.46 -10.54
CA HIS B 37 -8.22 -18.51 -10.54
C HIS B 37 -7.64 -19.88 -10.51
C HIS B 37 -7.83 -19.96 -10.76
N ALA B 38 -6.67 -20.17 -11.36
CA ALA B 38 -6.17 -21.52 -11.50
C ALA B 38 -5.00 -21.72 -10.55
N PRO B 39 -4.69 -22.99 -10.21
CA PRO B 39 -3.55 -23.32 -9.35
C PRO B 39 -2.25 -22.81 -9.94
N THR B 40 -1.20 -22.76 -9.12
CA THR B 40 0.10 -22.37 -9.60
C THR B 40 0.51 -23.25 -10.79
N GLY B 41 0.06 -24.50 -10.78
CA GLY B 41 0.22 -25.39 -11.91
C GLY B 41 -0.97 -25.32 -12.84
N SER B 42 -1.29 -26.44 -13.49
CA SER B 42 -2.37 -26.54 -14.47
C SER B 42 -2.50 -25.29 -15.33
N GLY B 43 -1.49 -25.06 -16.17
CA GLY B 43 -1.43 -23.92 -17.07
C GLY B 43 -2.73 -23.48 -17.72
N LYS B 44 -2.79 -22.21 -18.09
CA LYS B 44 -4.04 -21.56 -18.45
C LYS B 44 -3.88 -20.98 -19.84
N SER B 45 -2.62 -21.00 -20.30
CA SER B 45 -2.28 -20.72 -21.68
C SER B 45 -1.95 -22.05 -22.37
N THR B 46 -1.86 -23.15 -21.63
CA THR B 46 -1.48 -24.39 -22.32
C THR B 46 -2.51 -25.52 -22.31
N LYS B 47 -3.14 -25.83 -21.17
CA LYS B 47 -4.19 -26.86 -21.20
C LYS B 47 -5.57 -26.24 -21.44
N VAL B 48 -5.87 -25.15 -20.74
CA VAL B 48 -7.17 -24.48 -20.85
C VAL B 48 -7.54 -24.01 -22.27
N PRO B 49 -6.60 -23.38 -23.01
CA PRO B 49 -6.97 -22.96 -24.37
C PRO B 49 -7.29 -24.12 -25.32
N ALA B 50 -6.69 -25.28 -25.08
CA ALA B 50 -6.92 -26.45 -25.92
C ALA B 50 -8.36 -26.96 -25.85
N ALA B 51 -8.93 -26.95 -24.65
CA ALA B 51 -10.29 -27.40 -24.44
C ALA B 51 -11.29 -26.50 -25.14
N TYR B 52 -11.00 -25.21 -25.26
CA TYR B 52 -11.89 -24.31 -25.99
C TYR B 52 -11.80 -24.56 -27.48
N ALA B 53 -10.60 -24.90 -27.95
CA ALA B 53 -10.34 -25.08 -29.38
C ALA B 53 -11.00 -26.36 -29.90
N ALA B 54 -11.01 -27.39 -29.05
CA ALA B 54 -11.63 -28.68 -29.37
C ALA B 54 -13.16 -28.58 -29.51
N GLN B 55 -13.73 -27.40 -29.26
CA GLN B 55 -15.16 -27.19 -29.43
C GLN B 55 -15.48 -26.28 -30.60
N GLY B 56 -14.49 -26.05 -31.47
CA GLY B 56 -14.69 -25.28 -32.69
C GLY B 56 -14.43 -23.78 -32.57
N TYR B 57 -14.04 -23.33 -31.38
CA TYR B 57 -13.78 -21.93 -31.09
C TYR B 57 -12.36 -21.45 -31.42
N LYS B 58 -12.27 -20.27 -32.07
CA LYS B 58 -11.00 -19.61 -32.29
C LYS B 58 -10.54 -18.88 -31.02
N VAL B 59 -9.40 -19.29 -30.47
CA VAL B 59 -8.93 -18.75 -29.20
C VAL B 59 -7.71 -17.84 -29.36
N LEU B 60 -7.76 -16.66 -28.77
CA LEU B 60 -6.56 -15.82 -28.66
C LEU B 60 -6.09 -15.80 -27.21
N VAL B 61 -4.83 -16.17 -27.00
CA VAL B 61 -4.21 -16.15 -25.68
C VAL B 61 -3.17 -15.02 -25.59
N LEU B 62 -3.35 -14.14 -24.61
CA LEU B 62 -2.40 -13.05 -24.38
C LEU B 62 -1.61 -13.22 -23.08
N ASN B 63 -0.28 -13.06 -23.17
CA ASN B 63 0.63 -13.10 -22.02
C ASN B 63 1.56 -11.91 -22.12
N PRO B 64 2.28 -11.56 -21.04
CA PRO B 64 3.30 -10.53 -21.21
C PRO B 64 4.38 -10.96 -22.21
N SER B 65 4.77 -12.24 -22.15
CA SER B 65 5.73 -12.83 -23.09
C SER B 65 5.32 -14.23 -23.54
N VAL B 66 5.78 -14.68 -24.69
CA VAL B 66 5.49 -16.06 -25.12
C VAL B 66 6.76 -16.91 -25.05
N ALA B 67 7.82 -16.38 -24.45
CA ALA B 67 8.96 -17.23 -24.10
C ALA B 67 8.48 -18.29 -23.12
N ALA B 68 9.03 -19.49 -23.22
CA ALA B 68 8.69 -20.57 -22.29
C ALA B 68 8.87 -20.09 -20.85
N THR B 69 7.91 -20.46 -20.00
CA THR B 69 7.89 -19.99 -18.61
C THR B 69 9.15 -20.40 -17.85
N LEU B 70 9.63 -21.61 -18.10
CA LEU B 70 10.87 -22.09 -17.50
C LEU B 70 12.05 -21.19 -17.81
N GLY B 71 12.06 -20.60 -19.01
CA GLY B 71 13.19 -19.85 -19.50
C GLY B 71 13.97 -20.66 -20.54
N PHE B 72 13.47 -21.87 -20.79
CA PHE B 72 14.12 -22.82 -21.68
C PHE B 72 13.02 -23.56 -22.41
N GLY B 73 13.22 -23.85 -23.69
CA GLY B 73 12.19 -24.53 -24.47
C GLY B 73 11.49 -23.67 -25.53
N ALA B 74 10.54 -24.27 -26.23
CA ALA B 74 9.85 -23.62 -27.34
C ALA B 74 9.05 -22.37 -26.96
N TYR B 75 8.99 -21.43 -27.89
CA TYR B 75 8.06 -20.31 -27.76
C TYR B 75 6.64 -20.84 -27.82
N MET B 76 5.73 -20.19 -27.10
CA MET B 76 4.33 -20.60 -27.08
C MET B 76 3.67 -20.37 -28.43
N SER B 77 4.26 -19.49 -29.23
CA SER B 77 3.72 -19.14 -30.55
C SER B 77 4.08 -20.16 -31.64
N LYS B 78 4.90 -21.13 -31.26
CA LYS B 78 5.30 -22.18 -32.18
C LYS B 78 4.12 -22.92 -32.83
N ALA B 79 4.09 -22.92 -34.16
CA ALA B 79 3.22 -23.78 -34.96
C ALA B 79 3.14 -25.21 -34.42
N HIS B 80 1.93 -25.61 -34.02
CA HIS B 80 1.69 -26.84 -33.23
C HIS B 80 2.31 -26.74 -31.83
N GLY B 81 1.64 -26.00 -30.94
CA GLY B 81 2.14 -25.80 -29.59
C GLY B 81 2.03 -24.35 -29.13
N THR B 95 -0.33 -21.24 -37.20
CA THR B 95 -0.22 -22.35 -38.16
C THR B 95 -1.57 -22.81 -38.68
N GLY B 96 -2.49 -21.86 -38.86
CA GLY B 96 -3.84 -22.19 -39.28
C GLY B 96 -4.57 -22.92 -38.18
N SER B 97 -3.98 -22.88 -36.99
CA SER B 97 -4.52 -23.56 -35.81
C SER B 97 -5.62 -22.71 -35.19
N PRO B 98 -6.52 -23.36 -34.43
CA PRO B 98 -7.56 -22.57 -33.75
C PRO B 98 -7.02 -21.75 -32.56
N ILE B 99 -5.77 -21.98 -32.12
CA ILE B 99 -5.22 -21.24 -30.97
C ILE B 99 -4.04 -20.33 -31.35
N THR B 100 -4.19 -19.04 -31.05
CA THR B 100 -3.11 -18.08 -31.27
C THR B 100 -2.50 -17.67 -29.94
N TYR B 101 -1.17 -17.71 -29.85
CA TYR B 101 -0.44 -17.20 -28.70
C TYR B 101 0.27 -15.93 -29.05
N SER B 102 -0.08 -14.85 -28.34
CA SER B 102 0.60 -13.58 -28.53
C SER B 102 0.83 -12.85 -27.20
N THR B 103 1.24 -11.58 -27.28
CA THR B 103 1.52 -10.80 -26.10
C THR B 103 0.67 -9.54 -26.07
N TYR B 104 0.55 -8.95 -24.89
CA TYR B 104 -0.19 -7.68 -24.76
C TYR B 104 0.46 -6.59 -25.62
N GLY B 105 1.80 -6.56 -25.62
CA GLY B 105 2.57 -5.63 -26.42
C GLY B 105 2.35 -5.72 -27.92
N LYS B 106 2.41 -6.92 -28.47
CA LYS B 106 2.09 -7.12 -29.89
C LYS B 106 0.62 -6.82 -30.18
N PHE B 107 -0.27 -7.23 -29.29
CA PHE B 107 -1.69 -6.98 -29.48
C PHE B 107 -2.00 -5.48 -29.60
N LEU B 108 -1.38 -4.66 -28.77
CA LEU B 108 -1.62 -3.22 -28.82
C LEU B 108 -1.05 -2.62 -30.11
N ALA B 109 0.14 -3.07 -30.49
CA ALA B 109 0.79 -2.62 -31.71
C ALA B 109 -0.02 -3.05 -32.93
N ASP B 110 -0.68 -4.21 -32.84
CA ASP B 110 -1.53 -4.68 -33.94
C ASP B 110 -2.82 -3.87 -34.05
N GLY B 111 -3.06 -2.99 -33.09
CA GLY B 111 -4.23 -2.12 -33.13
C GLY B 111 -5.38 -2.68 -32.31
N GLY B 112 -5.11 -3.73 -31.57
CA GLY B 112 -6.15 -4.34 -30.75
C GLY B 112 -6.94 -5.44 -31.45
N CYS B 113 -8.24 -5.53 -31.13
CA CYS B 113 -9.10 -6.58 -31.65
C CYS B 113 -9.48 -6.31 -33.11
N SER B 114 -9.26 -7.28 -33.99
CA SER B 114 -9.80 -7.23 -35.36
C SER B 114 -11.15 -7.93 -35.39
N GLY B 115 -12.10 -7.34 -36.10
CA GLY B 115 -13.48 -7.82 -36.12
C GLY B 115 -13.63 -9.28 -36.53
N GLY B 116 -14.29 -10.06 -35.68
CA GLY B 116 -14.59 -11.45 -35.96
C GLY B 116 -13.44 -12.44 -35.97
N ALA B 117 -12.28 -12.03 -35.47
CA ALA B 117 -11.10 -12.89 -35.52
C ALA B 117 -11.12 -14.02 -34.48
N TYR B 118 -11.83 -13.83 -33.36
CA TYR B 118 -11.78 -14.81 -32.26
C TYR B 118 -13.06 -14.91 -31.45
N ASP B 119 -13.34 -16.11 -30.95
CA ASP B 119 -14.49 -16.34 -30.07
C ASP B 119 -14.15 -16.18 -28.59
N ILE B 120 -12.93 -16.59 -28.24
CA ILE B 120 -12.47 -16.60 -26.85
C ILE B 120 -11.13 -15.87 -26.78
N ILE B 121 -11.02 -14.89 -25.89
CA ILE B 121 -9.75 -14.23 -25.63
C ILE B 121 -9.34 -14.43 -24.20
N ILE B 122 -8.22 -15.10 -23.99
CA ILE B 122 -7.74 -15.34 -22.64
C ILE B 122 -6.63 -14.35 -22.28
N CYS B 123 -6.94 -13.40 -21.40
CA CYS B 123 -5.91 -12.54 -20.83
C CYS B 123 -5.21 -13.26 -19.69
N ASP B 124 -4.12 -13.93 -20.01
CA ASP B 124 -3.40 -14.69 -19.00
C ASP B 124 -2.45 -13.79 -18.19
N GLU B 125 -2.09 -14.26 -16.98
CA GLU B 125 -1.31 -13.46 -16.02
C GLU B 125 -1.89 -12.08 -15.79
N CYS B 126 -3.20 -12.00 -15.54
CA CYS B 126 -3.88 -10.70 -15.53
C CYS B 126 -3.67 -9.93 -14.21
N HIS B 127 -2.82 -10.47 -13.34
CA HIS B 127 -2.32 -9.75 -12.18
C HIS B 127 -1.14 -8.79 -12.53
N SER B 128 -0.56 -8.95 -13.71
CA SER B 128 0.56 -8.10 -14.16
C SER B 128 0.17 -6.65 -14.14
N THR B 129 0.98 -5.83 -13.49
CA THR B 129 0.67 -4.41 -13.37
C THR B 129 1.67 -3.57 -14.12
N ASP B 130 2.32 -4.15 -15.11
CA ASP B 130 3.10 -3.33 -16.01
C ASP B 130 2.16 -2.60 -16.98
N ALA B 131 2.55 -1.43 -17.44
CA ALA B 131 1.70 -0.59 -18.28
C ALA B 131 1.13 -1.30 -19.50
N THR B 132 1.98 -2.07 -20.17
CA THR B 132 1.59 -2.81 -21.35
C THR B 132 0.49 -3.84 -21.07
N SER B 133 0.63 -4.58 -19.97
CA SER B 133 -0.40 -5.52 -19.58
C SER B 133 -1.71 -4.79 -19.26
N ILE B 134 -1.62 -3.69 -18.53
CA ILE B 134 -2.84 -2.98 -18.12
C ILE B 134 -3.56 -2.34 -19.31
N LEU B 135 -2.82 -1.65 -20.16
CA LEU B 135 -3.41 -1.08 -21.38
C LEU B 135 -3.93 -2.18 -22.32
N GLY B 136 -3.20 -3.29 -22.42
CA GLY B 136 -3.63 -4.39 -23.27
C GLY B 136 -4.94 -5.05 -22.81
N ILE B 137 -5.00 -5.37 -21.53
CA ILE B 137 -6.22 -5.96 -20.96
C ILE B 137 -7.37 -4.98 -21.07
N GLY B 138 -7.10 -3.72 -20.77
CA GLY B 138 -8.12 -2.69 -20.88
C GLY B 138 -8.68 -2.60 -22.30
N THR B 139 -7.81 -2.84 -23.27
CA THR B 139 -8.19 -2.80 -24.68
C THR B 139 -9.09 -4.00 -25.03
N VAL B 140 -8.67 -5.20 -24.63
CA VAL B 140 -9.49 -6.40 -24.76
C VAL B 140 -10.87 -6.14 -24.20
N LEU B 141 -10.93 -5.61 -22.97
CA LEU B 141 -12.22 -5.39 -22.30
C LEU B 141 -13.07 -4.37 -23.02
N ASP B 142 -12.45 -3.37 -23.63
CA ASP B 142 -13.25 -2.32 -24.24
C ASP B 142 -13.77 -2.75 -25.60
N GLN B 143 -13.07 -3.70 -26.24
CA GLN B 143 -13.24 -3.98 -27.66
C GLN B 143 -13.79 -5.37 -28.02
N ALA B 144 -13.66 -6.32 -27.10
CA ALA B 144 -13.91 -7.72 -27.41
C ALA B 144 -15.31 -7.99 -27.95
N GLU B 145 -16.33 -7.46 -27.27
CA GLU B 145 -17.72 -7.73 -27.62
C GLU B 145 -18.08 -7.15 -28.99
N THR B 146 -17.64 -5.92 -29.25
CA THR B 146 -17.83 -5.31 -30.56
C THR B 146 -17.10 -6.08 -31.66
N ALA B 147 -16.04 -6.78 -31.30
CA ALA B 147 -15.31 -7.62 -32.27
C ALA B 147 -15.95 -9.01 -32.40
N GLY B 148 -17.00 -9.27 -31.63
CA GLY B 148 -17.72 -10.54 -31.76
C GLY B 148 -17.23 -11.69 -30.91
N ALA B 149 -16.33 -11.41 -29.96
CA ALA B 149 -15.93 -12.42 -29.00
C ALA B 149 -17.15 -12.81 -28.19
N ARG B 150 -17.22 -14.07 -27.79
CA ARG B 150 -18.31 -14.53 -26.93
C ARG B 150 -17.89 -14.50 -25.46
N LEU B 151 -16.58 -14.59 -25.21
CA LEU B 151 -16.05 -14.68 -23.83
C LEU B 151 -14.64 -14.11 -23.67
N VAL B 152 -14.45 -13.39 -22.57
CA VAL B 152 -13.11 -13.00 -22.14
C VAL B 152 -12.80 -13.67 -20.81
N VAL B 153 -11.67 -14.37 -20.76
CA VAL B 153 -11.21 -14.98 -19.52
C VAL B 153 -10.01 -14.21 -18.94
N LEU B 154 -10.17 -13.73 -17.70
CA LEU B 154 -9.07 -13.11 -16.98
C LEU B 154 -8.42 -14.18 -16.09
N ALA B 155 -7.32 -14.73 -16.56
CA ALA B 155 -6.68 -15.83 -15.86
C ALA B 155 -5.42 -15.40 -15.13
N THR B 156 -5.31 -15.81 -13.86
CA THR B 156 -4.09 -15.67 -13.06
C THR B 156 -4.01 -16.72 -11.96
N ALA B 157 -2.79 -17.03 -11.56
CA ALA B 157 -2.59 -17.91 -10.42
C ALA B 157 -2.59 -17.10 -9.12
N THR B 158 -2.58 -15.77 -9.25
CA THR B 158 -2.52 -14.89 -8.08
C THR B 158 -3.51 -13.73 -8.16
N PRO B 159 -4.81 -14.02 -7.96
CA PRO B 159 -5.83 -12.96 -7.93
C PRO B 159 -5.55 -11.95 -6.82
N PRO B 160 -6.24 -10.79 -6.84
CA PRO B 160 -5.94 -9.76 -5.84
C PRO B 160 -6.21 -10.25 -4.41
N GLY B 161 -5.32 -9.90 -3.49
CA GLY B 161 -5.39 -10.40 -2.13
C GLY B 161 -4.59 -11.66 -1.89
N SER B 162 -4.14 -12.32 -2.96
CA SER B 162 -3.36 -13.55 -2.85
C SER B 162 -2.15 -13.41 -1.95
N VAL B 163 -1.95 -14.37 -1.08
CA VAL B 163 -0.73 -14.38 -0.28
C VAL B 163 0.10 -15.63 -0.59
N THR B 164 1.40 -15.53 -0.36
CA THR B 164 2.29 -16.68 -0.53
C THR B 164 1.85 -17.85 0.33
N VAL B 165 1.75 -19.02 -0.31
CA VAL B 165 1.42 -20.25 0.42
C VAL B 165 2.67 -21.10 0.56
N SER B 166 2.66 -21.99 1.53
CA SER B 166 3.78 -22.90 1.73
C SER B 166 4.10 -23.73 0.48
N HIS B 167 5.20 -24.46 0.56
CA HIS B 167 5.66 -25.29 -0.54
C HIS B 167 6.15 -26.59 0.06
N PRO B 168 5.56 -27.73 -0.39
CA PRO B 168 5.90 -29.05 0.13
C PRO B 168 7.41 -29.29 0.14
N ASN B 169 8.07 -28.75 -0.87
CA ASN B 169 9.47 -29.03 -1.14
C ASN B 169 10.48 -28.00 -0.59
N ILE B 170 10.01 -27.01 0.18
CA ILE B 170 10.88 -25.90 0.56
C ILE B 170 10.73 -25.52 2.02
N GLU B 171 11.80 -25.71 2.78
CA GLU B 171 11.84 -25.34 4.20
C GLU B 171 12.15 -23.85 4.33
N GLU B 172 11.38 -23.15 5.15
CA GLU B 172 11.56 -21.71 5.32
C GLU B 172 12.09 -21.40 6.71
N VAL B 173 13.17 -20.62 6.78
CA VAL B 173 13.75 -20.30 8.09
C VAL B 173 14.06 -18.81 8.24
N ALA B 174 13.51 -18.19 9.28
CA ALA B 174 13.82 -16.81 9.59
C ALA B 174 15.29 -16.60 9.90
N LEU B 175 15.87 -15.57 9.31
CA LEU B 175 17.21 -15.15 9.71
C LEU B 175 17.10 -14.57 11.12
N SER B 176 18.13 -14.78 11.92
CA SER B 176 18.23 -14.15 13.24
C SER B 176 19.16 -12.95 13.18
N THR B 177 19.44 -12.36 14.33
CA THR B 177 20.51 -11.37 14.41
C THR B 177 21.88 -12.01 14.69
N THR B 178 21.94 -13.35 14.69
CA THR B 178 23.19 -14.06 14.91
C THR B 178 23.84 -14.45 13.59
N GLY B 179 25.07 -14.01 13.38
CA GLY B 179 25.79 -14.38 12.19
C GLY B 179 26.84 -13.36 11.83
N GLU B 180 27.75 -13.78 10.96
CA GLU B 180 28.91 -12.97 10.61
C GLU B 180 28.55 -11.90 9.59
N ILE B 181 27.57 -12.20 8.75
CA ILE B 181 27.26 -11.33 7.63
C ILE B 181 25.99 -10.52 7.88
N PRO B 182 26.15 -9.21 8.10
CA PRO B 182 24.95 -8.41 8.35
C PRO B 182 24.12 -8.35 7.09
N PHE B 183 22.80 -8.45 7.23
CA PHE B 183 21.92 -8.53 6.07
C PHE B 183 20.57 -7.88 6.43
N TYR B 184 20.39 -6.66 5.97
CA TYR B 184 19.15 -5.91 6.17
C TYR B 184 18.64 -5.98 7.62
N GLY B 185 19.50 -5.71 8.60
CA GLY B 185 19.07 -5.69 10.00
C GLY B 185 19.06 -7.08 10.63
N LYS B 186 19.20 -8.11 9.81
CA LYS B 186 19.45 -9.43 10.36
C LYS B 186 20.88 -9.86 10.00
N ALA B 187 21.14 -11.17 10.07
CA ALA B 187 22.50 -11.64 9.80
C ALA B 187 22.49 -13.01 9.13
N ILE B 188 23.47 -13.22 8.27
CA ILE B 188 23.66 -14.52 7.64
C ILE B 188 24.83 -15.21 8.33
N PRO B 189 24.59 -16.39 8.93
CA PRO B 189 25.69 -17.19 9.47
C PRO B 189 26.48 -17.75 8.31
N LEU B 190 27.81 -17.72 8.41
CA LEU B 190 28.67 -18.21 7.34
C LEU B 190 28.40 -19.66 6.95
N GLU B 191 28.06 -20.47 7.95
CA GLU B 191 27.80 -21.90 7.79
C GLU B 191 26.75 -22.23 6.74
N VAL B 192 25.65 -21.48 6.74
CA VAL B 192 24.54 -21.81 5.86
C VAL B 192 24.84 -21.47 4.40
N ILE B 193 25.95 -20.78 4.12
CA ILE B 193 26.34 -20.55 2.73
C ILE B 193 27.78 -21.01 2.40
N LYS B 194 28.54 -21.39 3.41
CA LYS B 194 29.91 -21.89 3.21
C LYS B 194 29.85 -23.26 2.54
N GLY B 195 30.09 -23.31 1.23
CA GLY B 195 29.95 -24.55 0.50
C GLY B 195 28.51 -24.83 0.14
N GLY B 196 28.30 -25.29 -1.08
CA GLY B 196 26.96 -25.45 -1.64
C GLY B 196 26.76 -24.36 -2.66
N ARG B 197 25.54 -24.24 -3.18
CA ARG B 197 25.20 -23.20 -4.15
C ARG B 197 24.00 -22.39 -3.67
N HIS B 198 24.19 -21.09 -3.52
CA HIS B 198 23.18 -20.26 -2.86
C HIS B 198 22.85 -19.00 -3.64
N LEU B 199 21.61 -18.56 -3.55
CA LEU B 199 21.14 -17.34 -4.21
C LEU B 199 20.65 -16.31 -3.19
N ILE B 200 21.14 -15.09 -3.32
CA ILE B 200 20.76 -14.09 -2.35
C ILE B 200 20.22 -12.88 -3.08
N PHE B 201 18.98 -12.51 -2.77
CA PHE B 201 18.37 -11.33 -3.39
C PHE B 201 18.57 -10.07 -2.56
N CYS B 202 19.18 -9.07 -3.19
CA CYS B 202 19.26 -7.72 -2.65
C CYS B 202 18.45 -6.80 -3.55
N HIS B 203 18.10 -5.62 -3.05
CA HIS B 203 17.11 -4.77 -3.73
C HIS B 203 17.75 -3.84 -4.73
N SER B 204 19.07 -3.74 -4.70
CA SER B 204 19.82 -2.84 -5.58
C SER B 204 21.21 -3.34 -5.97
N LYS B 205 21.72 -2.82 -7.09
CA LYS B 205 23.07 -3.11 -7.57
C LYS B 205 24.11 -2.80 -6.50
N LYS B 206 24.04 -1.59 -5.97
CA LYS B 206 24.98 -1.17 -4.93
C LYS B 206 25.04 -2.16 -3.78
N LYS B 207 23.88 -2.72 -3.42
CA LYS B 207 23.79 -3.65 -2.29
C LYS B 207 24.38 -5.01 -2.63
N CYS B 208 24.23 -5.42 -3.89
CA CYS B 208 24.76 -6.69 -4.37
C CYS B 208 26.29 -6.65 -4.39
N ASP B 209 26.84 -5.55 -4.92
CA ASP B 209 28.29 -5.36 -4.93
C ASP B 209 28.87 -5.41 -3.54
N GLU B 210 28.28 -4.67 -2.62
CA GLU B 210 28.81 -4.62 -1.26
C GLU B 210 28.76 -5.98 -0.59
N LEU B 211 27.65 -6.71 -0.78
CA LEU B 211 27.52 -7.99 -0.09
C LEU B 211 28.50 -9.01 -0.68
N ALA B 212 28.60 -9.04 -2.00
CA ALA B 212 29.51 -9.96 -2.67
C ALA B 212 30.94 -9.72 -2.16
N ALA B 213 31.32 -8.45 -2.02
CA ALA B 213 32.65 -8.08 -1.56
C ALA B 213 32.88 -8.63 -0.15
N LYS B 214 31.97 -8.33 0.77
CA LYS B 214 32.02 -8.91 2.11
C LYS B 214 32.19 -10.43 2.11
N LEU B 215 31.52 -11.13 1.20
CA LEU B 215 31.57 -12.59 1.21
C LEU B 215 32.92 -13.09 0.67
N VAL B 216 33.40 -12.46 -0.41
CA VAL B 216 34.70 -12.80 -0.99
C VAL B 216 35.83 -12.62 0.02
N ALA B 217 35.79 -11.53 0.78
CA ALA B 217 36.75 -11.29 1.85
C ALA B 217 36.68 -12.34 2.98
N LEU B 218 35.71 -13.25 2.90
CA LEU B 218 35.58 -14.31 3.90
C LEU B 218 35.85 -15.67 3.30
N GLY B 219 36.30 -15.69 2.05
CA GLY B 219 36.68 -16.92 1.40
C GLY B 219 35.51 -17.61 0.71
N ILE B 220 34.41 -16.90 0.60
CA ILE B 220 33.26 -17.39 -0.17
C ILE B 220 33.43 -17.03 -1.64
N ASN B 221 33.04 -17.95 -2.51
CA ASN B 221 32.99 -17.64 -3.91
C ASN B 221 31.66 -16.91 -4.23
N ALA B 222 31.68 -15.59 -4.09
CA ALA B 222 30.46 -14.81 -4.30
C ALA B 222 30.52 -14.01 -5.60
N VAL B 223 29.47 -14.13 -6.40
CA VAL B 223 29.33 -13.38 -7.63
C VAL B 223 28.10 -12.47 -7.55
N ALA B 224 28.25 -11.22 -7.98
CA ALA B 224 27.12 -10.29 -8.04
C ALA B 224 26.45 -10.35 -9.41
N TYR B 225 25.11 -10.35 -9.43
CA TYR B 225 24.39 -10.30 -10.69
C TYR B 225 23.26 -9.27 -10.69
N TYR B 226 23.18 -8.51 -11.76
CA TYR B 226 22.15 -7.50 -11.93
C TYR B 226 22.11 -7.06 -13.40
N ARG B 227 21.27 -6.09 -13.71
CA ARG B 227 21.04 -5.65 -15.09
C ARG B 227 22.33 -5.30 -15.83
N GLY B 228 22.70 -6.17 -16.77
CA GLY B 228 23.79 -5.90 -17.69
C GLY B 228 25.04 -6.74 -17.57
N LEU B 229 24.94 -8.01 -17.13
CA LEU B 229 26.13 -8.85 -16.91
C LEU B 229 26.07 -10.25 -17.57
N ASP B 230 25.03 -11.01 -17.23
CA ASP B 230 24.55 -12.22 -17.96
C ASP B 230 25.14 -13.59 -17.60
N VAL B 231 26.46 -13.73 -17.58
CA VAL B 231 27.05 -15.07 -17.65
C VAL B 231 28.14 -15.33 -16.60
N SER B 232 28.55 -14.29 -15.87
CA SER B 232 29.53 -14.42 -14.80
C SER B 232 29.06 -15.40 -13.74
N VAL B 233 27.74 -15.54 -13.62
CA VAL B 233 27.16 -16.62 -12.79
C VAL B 233 27.73 -17.93 -13.36
N ILE B 234 28.64 -18.56 -12.62
CA ILE B 234 29.39 -19.70 -13.10
C ILE B 234 28.41 -20.83 -13.50
N PRO B 235 28.35 -21.12 -14.84
CA PRO B 235 27.42 -22.11 -15.42
C PRO B 235 27.82 -23.52 -15.02
N THR B 236 29.06 -23.63 -14.51
CA THR B 236 29.51 -24.66 -13.55
C THR B 236 28.40 -25.09 -12.62
N ASN B 237 28.64 -26.18 -11.86
CA ASN B 237 28.03 -26.38 -10.53
C ASN B 237 29.03 -26.58 -9.38
N GLY B 238 30.06 -25.74 -9.35
CA GLY B 238 30.91 -25.65 -8.18
C GLY B 238 30.21 -24.85 -7.11
N ASP B 239 30.80 -24.74 -5.92
CA ASP B 239 30.24 -23.85 -4.90
C ASP B 239 30.20 -22.39 -5.40
N VAL B 240 29.15 -21.69 -5.00
CA VAL B 240 28.94 -20.30 -5.40
C VAL B 240 27.80 -19.69 -4.58
N VAL B 241 27.94 -18.39 -4.33
CA VAL B 241 26.89 -17.57 -3.76
C VAL B 241 26.62 -16.46 -4.76
N VAL B 242 25.49 -16.55 -5.44
CA VAL B 242 25.03 -15.49 -6.34
C VAL B 242 24.28 -14.41 -5.55
N VAL B 243 24.78 -13.17 -5.63
CA VAL B 243 24.11 -12.05 -5.01
C VAL B 243 23.47 -11.21 -6.08
N SER B 244 22.15 -11.17 -6.09
CA SER B 244 21.44 -10.68 -7.27
C SER B 244 20.17 -9.86 -6.98
N THR B 245 19.86 -8.99 -7.93
CA THR B 245 18.56 -8.31 -7.99
C THR B 245 17.56 -9.21 -8.73
N ASP B 246 16.42 -8.66 -9.12
CA ASP B 246 15.40 -9.43 -9.83
C ASP B 246 15.70 -9.52 -11.32
N ALA B 247 16.81 -8.94 -11.73
CA ALA B 247 17.29 -9.04 -13.11
C ALA B 247 17.50 -10.50 -13.57
N LEU B 248 17.72 -11.40 -12.61
CA LEU B 248 18.10 -12.78 -12.92
C LEU B 248 17.06 -13.56 -13.75
N MET B 249 17.56 -14.27 -14.75
CA MET B 249 16.73 -15.10 -15.63
C MET B 249 16.50 -16.50 -15.05
N GLY B 254 21.53 -21.83 -13.52
CA GLY B 254 21.63 -23.13 -12.87
C GLY B 254 20.53 -23.29 -11.85
N ASP B 255 20.83 -23.97 -10.74
CA ASP B 255 19.88 -24.07 -9.64
C ASP B 255 20.57 -24.16 -8.28
N PHE B 256 19.80 -23.90 -7.22
CA PHE B 256 20.35 -23.52 -5.91
C PHE B 256 19.84 -24.32 -4.71
N ASP B 257 20.74 -24.56 -3.76
CA ASP B 257 20.43 -25.31 -2.54
C ASP B 257 19.61 -24.45 -1.59
N SER B 258 19.74 -23.14 -1.71
CA SER B 258 18.98 -22.22 -0.88
C SER B 258 18.82 -20.84 -1.53
N VAL B 259 17.84 -20.11 -1.03
CA VAL B 259 17.61 -18.72 -1.39
C VAL B 259 17.59 -17.92 -0.11
N ILE B 260 18.25 -16.77 -0.12
CA ILE B 260 18.12 -15.83 0.99
C ILE B 260 17.54 -14.52 0.45
N ASP B 261 16.46 -14.04 1.08
CA ASP B 261 15.65 -12.95 0.53
C ASP B 261 15.64 -11.72 1.44
N CYS B 262 16.07 -10.58 0.93
CA CYS B 262 15.89 -9.34 1.67
C CYS B 262 14.40 -8.95 1.82
N ASN B 263 13.53 -9.58 1.06
CA ASN B 263 12.06 -9.35 1.09
C ASN B 263 11.69 -7.89 0.82
N THR B 264 12.54 -7.17 0.08
CA THR B 264 12.18 -5.82 -0.36
C THR B 264 12.39 -5.65 -1.86
N CYS B 265 11.66 -4.71 -2.44
N CYS B 265 11.65 -4.73 -2.45
CA CYS B 265 11.80 -4.42 -3.86
CA CYS B 265 11.78 -4.44 -3.87
C CYS B 265 11.85 -2.92 -4.11
C CYS B 265 11.82 -2.94 -4.13
N VAL B 266 12.28 -2.56 -5.31
CA VAL B 266 12.26 -1.17 -5.73
C VAL B 266 11.14 -1.02 -6.74
N THR B 267 10.32 0.04 -6.60
CA THR B 267 9.24 0.28 -7.53
C THR B 267 9.14 1.74 -7.96
N GLN B 268 8.54 1.93 -9.14
CA GLN B 268 8.32 3.25 -9.69
C GLN B 268 7.03 3.86 -9.13
N THR B 269 7.16 5.10 -8.69
CA THR B 269 6.04 5.80 -8.09
C THR B 269 6.00 7.24 -8.61
N VAL B 270 4.86 7.87 -8.49
CA VAL B 270 4.76 9.28 -8.81
C VAL B 270 4.53 10.07 -7.54
N ASP B 271 5.33 11.10 -7.32
CA ASP B 271 5.07 12.03 -6.21
C ASP B 271 4.44 13.32 -6.72
N PHE B 272 3.30 13.70 -6.14
CA PHE B 272 2.71 15.01 -6.44
C PHE B 272 3.27 16.10 -5.53
N SER B 273 4.45 16.56 -5.92
CA SER B 273 5.33 17.34 -5.06
C SER B 273 5.25 18.84 -5.23
N LEU B 274 4.50 19.32 -6.22
CA LEU B 274 4.30 20.76 -6.40
C LEU B 274 5.60 21.54 -6.47
N ASP B 275 6.63 20.94 -7.08
CA ASP B 275 7.89 21.60 -7.22
C ASP B 275 8.45 21.52 -8.63
N PRO B 276 7.66 21.95 -9.64
CA PRO B 276 6.37 22.66 -9.64
C PRO B 276 5.14 21.74 -9.71
N THR B 277 5.30 20.55 -10.28
CA THR B 277 4.17 19.68 -10.58
C THR B 277 4.27 18.30 -9.94
N PHE B 278 4.83 17.34 -10.67
CA PHE B 278 4.96 15.99 -10.13
C PHE B 278 6.34 15.39 -10.35
N THR B 279 6.62 14.30 -9.65
CA THR B 279 7.92 13.65 -9.74
C THR B 279 7.71 12.16 -9.92
N ILE B 280 8.31 11.60 -10.96
CA ILE B 280 8.44 10.17 -11.11
C ILE B 280 9.74 9.77 -10.42
N GLU B 281 9.65 8.92 -9.40
CA GLU B 281 10.81 8.50 -8.61
C GLU B 281 10.74 7.00 -8.36
N THR B 282 11.82 6.41 -7.86
CA THR B 282 11.81 4.99 -7.49
C THR B 282 11.91 4.91 -6.00
N THR B 283 11.11 4.03 -5.40
CA THR B 283 11.20 3.80 -3.94
C THR B 283 11.28 2.32 -3.55
N THR B 284 11.82 2.10 -2.35
CA THR B 284 11.94 0.76 -1.76
C THR B 284 10.66 0.40 -1.03
N LEU B 285 10.21 -0.85 -1.17
CA LEU B 285 8.97 -1.27 -0.50
C LEU B 285 9.08 -2.74 -0.17
N PRO B 286 8.30 -3.21 0.81
CA PRO B 286 8.27 -4.66 1.05
C PRO B 286 7.75 -5.39 -0.18
N GLN B 287 8.29 -6.57 -0.46
CA GLN B 287 7.90 -7.36 -1.62
C GLN B 287 6.43 -7.79 -1.46
N ASP B 288 5.76 -8.04 -2.58
CA ASP B 288 4.41 -8.57 -2.50
C ASP B 288 4.48 -10.07 -2.75
N ALA B 289 3.33 -10.73 -2.76
CA ALA B 289 3.32 -12.18 -2.79
C ALA B 289 3.87 -12.75 -4.10
N VAL B 290 3.64 -12.08 -5.22
CA VAL B 290 4.18 -12.55 -6.49
C VAL B 290 5.71 -12.62 -6.43
N SER B 291 6.33 -11.51 -6.03
CA SER B 291 7.78 -11.42 -5.84
C SER B 291 8.32 -12.45 -4.85
N ARG B 292 7.68 -12.59 -3.69
CA ARG B 292 8.12 -13.55 -2.69
C ARG B 292 8.09 -14.96 -3.26
N THR B 293 6.99 -15.30 -3.93
CA THR B 293 6.79 -16.65 -4.48
C THR B 293 7.83 -16.98 -5.55
N GLN B 294 8.07 -16.02 -6.42
CA GLN B 294 9.04 -16.19 -7.50
C GLN B 294 10.49 -16.29 -6.98
N ARG B 295 10.85 -15.46 -5.99
CA ARG B 295 12.20 -15.51 -5.43
C ARG B 295 12.42 -16.84 -4.72
N ARG B 296 11.49 -17.17 -3.83
CA ARG B 296 11.55 -18.42 -3.09
C ARG B 296 11.61 -19.62 -4.04
N GLY B 297 10.93 -19.48 -5.18
CA GLY B 297 10.84 -20.55 -6.17
C GLY B 297 12.09 -20.87 -6.97
N ARG B 298 13.20 -20.18 -6.73
CA ARG B 298 14.41 -20.52 -7.47
C ARG B 298 15.26 -21.57 -6.74
N THR B 299 14.78 -21.98 -5.57
CA THR B 299 15.29 -23.16 -4.86
C THR B 299 14.17 -24.19 -4.89
N GLY B 300 14.43 -25.38 -4.36
CA GLY B 300 13.42 -26.41 -4.24
C GLY B 300 12.88 -26.95 -5.56
N ARG B 301 13.64 -26.72 -6.65
CA ARG B 301 13.31 -27.28 -7.96
C ARG B 301 13.83 -28.72 -8.04
N GLY B 302 12.90 -29.68 -7.95
CA GLY B 302 13.29 -31.08 -7.85
C GLY B 302 13.75 -31.42 -6.43
N LYS B 303 15.05 -31.31 -6.19
CA LYS B 303 15.60 -31.60 -4.86
C LYS B 303 15.14 -30.55 -3.87
N PRO B 304 15.04 -30.93 -2.57
CA PRO B 304 14.57 -29.99 -1.56
C PRO B 304 15.45 -28.74 -1.45
N GLY B 305 14.91 -27.68 -0.89
CA GLY B 305 15.58 -26.39 -0.83
C GLY B 305 15.24 -25.67 0.46
N ILE B 306 16.03 -24.64 0.77
CA ILE B 306 15.83 -23.86 1.98
C ILE B 306 15.63 -22.39 1.64
N TYR B 307 14.62 -21.78 2.24
CA TYR B 307 14.32 -20.35 2.04
C TYR B 307 14.54 -19.59 3.34
N ARG B 308 15.46 -18.64 3.31
CA ARG B 308 15.74 -17.87 4.52
C ARG B 308 15.31 -16.43 4.31
N PHE B 309 14.62 -15.84 5.28
CA PHE B 309 14.02 -14.53 5.04
C PHE B 309 14.29 -13.53 6.16
N VAL B 310 14.26 -12.26 5.78
CA VAL B 310 14.35 -11.16 6.71
C VAL B 310 12.98 -10.83 7.36
N ALA B 311 11.91 -10.90 6.56
CA ALA B 311 10.55 -10.59 7.04
C ALA B 311 9.60 -11.76 6.81
N PRO B 312 8.81 -12.10 7.81
CA PRO B 312 7.87 -13.23 7.65
C PRO B 312 6.69 -12.86 6.74
N GLY B 313 6.48 -11.56 6.53
CA GLY B 313 5.32 -11.08 5.79
C GLY B 313 5.58 -10.42 4.45
N GLU B 314 4.50 -10.08 3.75
CA GLU B 314 4.55 -9.48 2.43
C GLU B 314 3.38 -8.52 2.28
N ARG B 315 3.48 -7.62 1.31
CA ARG B 315 2.32 -6.88 0.81
C ARG B 315 1.38 -7.82 0.07
N PRO B 316 0.08 -7.82 0.40
CA PRO B 316 -0.71 -8.64 -0.53
C PRO B 316 -0.76 -8.01 -1.93
N SER B 317 -0.96 -8.84 -2.93
CA SER B 317 -0.97 -8.38 -4.32
C SER B 317 -2.31 -7.72 -4.69
N GLY B 318 -2.30 -6.86 -5.71
CA GLY B 318 -3.54 -6.30 -6.25
C GLY B 318 -3.62 -4.78 -6.29
N MET B 319 -2.49 -4.09 -6.24
CA MET B 319 -2.46 -2.64 -6.35
C MET B 319 -1.27 -2.13 -7.17
N PHE B 320 -1.49 -1.05 -7.92
CA PHE B 320 -0.40 -0.44 -8.66
C PHE B 320 -0.48 1.07 -8.62
N ASP B 321 0.64 1.70 -8.92
CA ASP B 321 0.83 3.13 -8.75
C ASP B 321 0.28 3.97 -9.91
N SER B 322 -0.03 5.23 -9.63
CA SER B 322 -0.56 6.16 -10.62
C SER B 322 0.45 6.42 -11.75
N SER B 323 1.73 6.21 -11.48
CA SER B 323 2.75 6.42 -12.49
C SER B 323 2.58 5.42 -13.64
N VAL B 324 1.97 4.27 -13.37
CA VAL B 324 1.70 3.31 -14.41
C VAL B 324 0.61 3.86 -15.38
N LEU B 325 -0.36 4.60 -14.84
CA LEU B 325 -1.37 5.24 -15.69
C LEU B 325 -0.67 6.24 -16.60
N CYS B 326 0.20 7.05 -16.01
CA CYS B 326 1.01 8.00 -16.77
C CYS B 326 1.76 7.27 -17.90
N GLU B 327 2.33 6.09 -17.61
CA GLU B 327 3.02 5.31 -18.67
C GLU B 327 2.10 4.92 -19.81
N CYS B 328 0.88 4.49 -19.48
CA CYS B 328 -0.11 4.11 -20.49
C CYS B 328 -0.40 5.24 -21.47
N TYR B 329 -0.57 6.46 -20.96
CA TYR B 329 -0.87 7.62 -21.82
C TYR B 329 0.36 7.97 -22.63
N ASP B 330 1.52 7.88 -22.00
CA ASP B 330 2.79 8.11 -22.68
C ASP B 330 2.90 7.16 -23.86
N ALA B 331 2.72 5.86 -23.56
CA ALA B 331 2.83 4.85 -24.61
C ALA B 331 1.74 5.00 -25.66
N GLY B 332 0.52 5.32 -25.22
CA GLY B 332 -0.55 5.67 -26.14
C GLY B 332 -0.16 6.75 -27.16
N CYS B 333 0.42 7.85 -26.66
CA CYS B 333 0.84 8.94 -27.54
C CYS B 333 2.09 8.58 -28.37
N ALA B 334 3.07 7.95 -27.73
CA ALA B 334 4.34 7.68 -28.41
C ALA B 334 4.30 6.51 -29.38
N TRP B 335 3.56 5.45 -29.05
CA TRP B 335 3.68 4.17 -29.76
C TRP B 335 2.44 3.70 -30.51
N TYR B 336 1.26 3.97 -29.96
CA TYR B 336 0.07 3.29 -30.43
C TYR B 336 -0.86 4.24 -31.16
N GLU B 337 -0.39 5.46 -31.40
CA GLU B 337 -1.21 6.47 -32.06
C GLU B 337 -2.55 6.57 -31.36
N LEU B 338 -2.55 6.70 -30.05
CA LEU B 338 -3.80 6.80 -29.32
C LEU B 338 -3.97 8.22 -28.78
N MET B 339 -5.04 8.88 -29.20
CA MET B 339 -5.49 10.11 -28.54
C MET B 339 -5.70 9.75 -27.05
N PRO B 340 -5.44 10.71 -26.15
CA PRO B 340 -5.60 10.48 -24.72
C PRO B 340 -7.01 9.97 -24.35
N ALA B 341 -8.03 10.44 -25.08
CA ALA B 341 -9.38 10.04 -24.77
C ALA B 341 -9.56 8.56 -25.10
N GLU B 342 -8.88 8.07 -26.15
CA GLU B 342 -8.93 6.65 -26.49
C GLU B 342 -8.22 5.78 -25.42
N THR B 343 -7.09 6.28 -24.90
CA THR B 343 -6.43 5.59 -23.79
C THR B 343 -7.37 5.56 -22.57
N THR B 344 -8.01 6.69 -22.26
CA THR B 344 -8.94 6.77 -21.13
C THR B 344 -10.02 5.68 -21.23
N VAL B 345 -10.61 5.56 -22.42
CA VAL B 345 -11.67 4.56 -22.69
C VAL B 345 -11.20 3.13 -22.35
N ARG B 346 -9.97 2.79 -22.73
CA ARG B 346 -9.47 1.44 -22.48
C ARG B 346 -9.14 1.22 -21.00
N LEU B 347 -8.57 2.25 -20.39
CA LEU B 347 -8.22 2.22 -19.00
C LEU B 347 -9.49 2.21 -18.13
N ARG B 348 -10.51 2.95 -18.57
CA ARG B 348 -11.77 2.99 -17.85
C ARG B 348 -12.44 1.60 -17.83
N ALA B 349 -12.43 0.91 -18.97
CA ALA B 349 -12.95 -0.45 -19.06
C ALA B 349 -12.27 -1.35 -18.03
N TYR B 350 -10.96 -1.21 -17.94
CA TYR B 350 -10.16 -1.94 -16.98
C TYR B 350 -10.65 -1.65 -15.56
N MET B 351 -10.72 -0.39 -15.20
CA MET B 351 -11.09 -0.01 -13.85
C MET B 351 -12.56 -0.36 -13.48
N ASN B 352 -13.42 -0.50 -14.49
CA ASN B 352 -14.83 -0.84 -14.25
C ASN B 352 -15.02 -2.35 -14.07
N THR B 353 -13.99 -3.12 -14.40
CA THR B 353 -14.01 -4.57 -14.26
C THR B 353 -13.52 -5.06 -12.89
N PRO B 354 -14.37 -5.81 -12.16
CA PRO B 354 -14.02 -6.40 -10.85
C PRO B 354 -12.95 -7.48 -10.92
N GLY B 355 -12.15 -7.65 -9.87
CA GLY B 355 -11.20 -8.74 -9.78
C GLY B 355 -9.80 -8.45 -10.32
N LEU B 356 -9.55 -7.19 -10.68
CA LEU B 356 -8.27 -6.77 -11.24
C LEU B 356 -7.55 -5.89 -10.23
N PRO B 357 -6.21 -5.77 -10.35
CA PRO B 357 -5.46 -4.88 -9.47
C PRO B 357 -6.04 -3.48 -9.52
N VAL B 358 -5.99 -2.77 -8.39
N VAL B 358 -5.96 -2.75 -8.41
CA VAL B 358 -6.56 -1.43 -8.32
CA VAL B 358 -6.58 -1.44 -8.29
C VAL B 358 -5.50 -0.33 -8.29
C VAL B 358 -5.55 -0.31 -8.23
N CYS B 359 -5.95 0.87 -8.58
N CYS B 359 -5.92 0.84 -8.77
CA CYS B 359 -5.09 2.03 -8.66
CA CYS B 359 -5.10 2.05 -8.75
C CYS B 359 -5.94 3.28 -8.42
C CYS B 359 -5.96 3.26 -8.37
N GLN B 360 -5.30 4.36 -7.99
CA GLN B 360 -5.98 5.65 -7.85
C GLN B 360 -6.67 6.04 -9.19
N ASP B 361 -7.90 6.54 -9.14
CA ASP B 361 -8.58 7.00 -10.36
C ASP B 361 -8.06 8.37 -10.79
N HIS B 362 -6.98 8.38 -11.57
CA HIS B 362 -6.39 9.62 -12.06
C HIS B 362 -6.54 9.78 -13.56
N LEU B 363 -7.46 9.04 -14.17
CA LEU B 363 -7.59 9.06 -15.62
C LEU B 363 -7.78 10.49 -16.13
N GLU B 364 -8.64 11.24 -15.47
CA GLU B 364 -8.99 12.58 -15.90
C GLU B 364 -7.77 13.46 -15.76
N PHE B 365 -7.06 13.32 -14.65
CA PHE B 365 -5.80 14.06 -14.51
C PHE B 365 -4.82 13.75 -15.64
N TRP B 366 -4.54 12.48 -15.89
CA TRP B 366 -3.46 12.22 -16.87
C TRP B 366 -3.92 12.56 -18.30
N GLU B 367 -5.18 12.28 -18.59
CA GLU B 367 -5.73 12.61 -19.91
C GLU B 367 -5.57 14.11 -20.13
N GLY B 368 -5.91 14.90 -19.11
CA GLY B 368 -5.74 16.34 -19.17
C GLY B 368 -4.30 16.81 -19.37
N VAL B 369 -3.37 16.20 -18.66
CA VAL B 369 -1.95 16.52 -18.84
C VAL B 369 -1.50 16.32 -20.28
N PHE B 370 -1.74 15.12 -20.81
CA PHE B 370 -1.21 14.81 -22.14
C PHE B 370 -1.95 15.59 -23.24
N THR B 371 -3.22 15.94 -22.99
CA THR B 371 -3.96 16.78 -23.93
C THR B 371 -3.27 18.15 -24.08
N GLY B 372 -2.72 18.66 -23.00
CA GLY B 372 -2.05 19.95 -23.06
C GLY B 372 -0.69 19.91 -23.75
N LEU B 373 -0.11 18.72 -23.92
CA LEU B 373 1.27 18.63 -24.43
C LEU B 373 1.34 18.67 -25.96
N THR B 374 1.20 19.86 -26.52
CA THR B 374 0.96 19.96 -27.97
C THR B 374 2.20 20.37 -28.71
N HIS B 375 2.25 20.01 -29.99
CA HIS B 375 3.37 20.34 -30.87
C HIS B 375 4.70 19.78 -30.35
N ILE B 376 4.71 18.52 -29.98
CA ILE B 376 5.98 17.91 -29.63
C ILE B 376 6.89 17.89 -30.87
N ASP B 377 8.19 18.10 -30.66
CA ASP B 377 9.17 17.96 -31.75
C ASP B 377 9.24 16.48 -32.13
N ALA B 378 8.90 16.17 -33.38
CA ALA B 378 8.81 14.77 -33.81
C ALA B 378 10.17 14.06 -33.82
N HIS B 379 11.24 14.83 -33.91
CA HIS B 379 12.56 14.24 -34.05
C HIS B 379 13.10 13.86 -32.67
N PHE B 380 12.80 14.65 -31.63
CA PHE B 380 13.16 14.28 -30.26
C PHE B 380 12.37 13.05 -29.77
N LEU B 381 11.08 12.98 -30.13
CA LEU B 381 10.26 11.83 -29.76
C LEU B 381 10.85 10.56 -30.36
N SER B 382 11.21 10.65 -31.63
CA SER B 382 11.81 9.54 -32.33
C SER B 382 13.04 9.05 -31.57
N GLN B 383 13.83 10.00 -31.09
CA GLN B 383 15.04 9.65 -30.33
C GLN B 383 14.76 9.10 -28.93
N THR B 384 13.80 9.66 -28.20
CA THR B 384 13.55 9.13 -26.87
C THR B 384 12.90 7.75 -26.97
N LYS B 385 12.16 7.51 -28.06
CA LYS B 385 11.56 6.22 -28.28
C LYS B 385 12.66 5.18 -28.51
N GLN B 386 13.61 5.52 -29.37
CA GLN B 386 14.63 4.58 -29.81
C GLN B 386 15.67 4.30 -28.71
N SER B 387 15.87 5.23 -27.79
CA SER B 387 16.80 5.02 -26.68
C SER B 387 16.24 4.16 -25.54
N GLY B 388 14.97 3.76 -25.60
CA GLY B 388 14.40 2.88 -24.60
C GLY B 388 14.15 3.51 -23.25
N GLU B 389 14.08 4.83 -23.22
CA GLU B 389 13.71 5.54 -22.00
C GLU B 389 12.29 5.26 -21.55
N ASN B 390 12.08 5.26 -20.24
CA ASN B 390 10.74 5.39 -19.70
C ASN B 390 10.25 6.77 -20.09
N PHE B 391 8.94 6.88 -20.23
CA PHE B 391 8.28 8.12 -20.60
C PHE B 391 8.93 8.86 -21.76
N PRO B 392 9.07 8.19 -22.93
CA PRO B 392 9.69 8.91 -24.04
C PRO B 392 8.89 10.15 -24.42
N TYR B 393 7.55 10.10 -24.35
CA TYR B 393 6.77 11.28 -24.72
C TYR B 393 7.06 12.39 -23.72
N LEU B 394 7.18 12.06 -22.43
CA LEU B 394 7.42 13.13 -21.45
C LEU B 394 8.85 13.68 -21.55
N VAL B 395 9.83 12.83 -21.87
CA VAL B 395 11.20 13.29 -22.00
C VAL B 395 11.31 14.20 -23.23
N ALA B 396 10.87 13.69 -24.37
CA ALA B 396 10.89 14.47 -25.59
C ALA B 396 10.10 15.76 -25.47
N TYR B 397 9.01 15.77 -24.71
CA TYR B 397 8.22 16.99 -24.60
C TYR B 397 8.99 18.04 -23.78
N GLN B 398 9.60 17.62 -22.69
CA GLN B 398 10.45 18.54 -21.92
C GLN B 398 11.59 19.03 -22.79
N ALA B 399 12.12 18.18 -23.65
CA ALA B 399 13.22 18.61 -24.52
C ALA B 399 12.73 19.64 -25.51
N THR B 400 11.53 19.43 -26.04
CA THR B 400 10.93 20.34 -27.01
C THR B 400 10.78 21.73 -26.44
N VAL B 401 10.34 21.81 -25.19
CA VAL B 401 10.14 23.07 -24.54
C VAL B 401 11.49 23.76 -24.26
N CYS B 402 12.51 22.98 -23.96
CA CYS B 402 13.87 23.51 -23.82
C CYS B 402 14.41 24.11 -25.12
N ALA B 403 14.31 23.37 -26.21
CA ALA B 403 14.79 23.85 -27.51
C ALA B 403 14.11 25.13 -27.99
N ARG B 404 12.82 25.30 -27.71
CA ARG B 404 12.10 26.48 -28.22
C ARG B 404 12.49 27.73 -27.45
N ALA B 405 12.62 27.59 -26.14
CA ALA B 405 13.08 28.68 -25.30
C ALA B 405 14.60 28.72 -25.27
N GLN B 406 15.22 27.87 -26.09
CA GLN B 406 16.66 27.73 -26.18
C GLN B 406 17.33 27.66 -24.80
N ALA B 407 16.69 26.90 -23.91
CA ALA B 407 17.17 26.64 -22.55
C ALA B 407 17.75 25.24 -22.48
N PRO B 408 18.65 24.99 -21.51
CA PRO B 408 19.26 23.66 -21.30
C PRO B 408 18.30 22.68 -20.62
N PRO B 409 18.55 21.36 -20.77
CA PRO B 409 17.77 20.33 -20.07
C PRO B 409 17.99 20.44 -18.56
N PRO B 410 17.15 19.77 -17.73
CA PRO B 410 17.27 19.79 -16.28
C PRO B 410 18.61 19.22 -15.77
N SER B 411 19.24 18.40 -16.60
CA SER B 411 20.57 17.88 -16.32
C SER B 411 21.19 17.48 -17.64
N TRP B 412 22.32 16.78 -17.59
CA TRP B 412 22.90 16.21 -18.78
C TRP B 412 23.07 14.72 -18.60
N ASP B 413 22.26 14.14 -17.73
CA ASP B 413 22.15 12.68 -17.68
C ASP B 413 21.75 12.20 -19.07
N GLN B 414 22.02 10.92 -19.35
CA GLN B 414 21.85 10.36 -20.68
C GLN B 414 20.45 10.56 -21.27
N MET B 415 19.46 10.65 -20.40
CA MET B 415 18.06 10.93 -20.73
C MET B 415 17.87 12.09 -21.72
N TRP B 416 18.69 13.12 -21.57
CA TRP B 416 18.50 14.35 -22.33
C TRP B 416 19.39 14.49 -23.58
N LYS B 417 19.89 13.35 -24.08
CA LYS B 417 20.90 13.38 -25.14
C LYS B 417 20.40 13.88 -26.52
N CYS B 418 19.08 13.93 -26.70
CA CYS B 418 18.55 14.43 -27.97
C CYS B 418 18.88 15.92 -28.12
N LEU B 419 19.31 16.54 -27.03
CA LEU B 419 19.62 17.96 -27.05
C LEU B 419 21.12 18.26 -27.23
N ILE B 420 21.96 17.22 -27.26
CA ILE B 420 23.44 17.36 -27.22
C ILE B 420 24.02 18.44 -28.15
N ARG B 421 23.41 18.68 -29.31
CA ARG B 421 23.68 19.93 -30.03
C ARG B 421 23.27 21.15 -29.17
N LEU B 422 24.12 21.42 -28.17
CA LEU B 422 23.72 22.15 -26.96
C LEU B 422 24.30 23.53 -26.77
N LYS B 423 25.33 23.88 -27.53
CA LYS B 423 25.94 25.19 -27.34
C LYS B 423 24.95 26.37 -27.47
N PRO B 424 23.96 26.30 -28.39
CA PRO B 424 22.99 27.40 -28.36
C PRO B 424 22.17 27.42 -27.07
N THR B 425 21.58 26.27 -26.76
CA THR B 425 20.63 26.20 -25.66
C THR B 425 21.35 25.96 -24.33
N LEU B 426 22.46 26.66 -24.11
CA LEU B 426 23.14 26.54 -22.82
C LEU B 426 22.65 27.70 -21.97
N HIS B 427 21.92 28.60 -22.60
N HIS B 427 21.95 28.65 -22.58
CA HIS B 427 21.49 29.84 -21.99
CA HIS B 427 21.68 29.90 -21.88
C HIS B 427 20.32 29.65 -21.05
C HIS B 427 20.37 29.86 -21.12
N GLY B 428 20.47 30.14 -19.82
CA GLY B 428 19.33 30.32 -18.94
C GLY B 428 18.86 29.13 -18.13
N PRO B 429 17.87 29.38 -17.27
CA PRO B 429 17.28 28.32 -16.45
C PRO B 429 16.45 27.35 -17.29
N THR B 430 16.16 26.18 -16.72
CA THR B 430 15.32 25.19 -17.39
C THR B 430 13.86 25.48 -17.12
N PRO B 431 13.05 25.55 -18.18
CA PRO B 431 11.59 25.62 -17.98
C PRO B 431 11.10 24.25 -17.57
N LEU B 432 11.05 24.02 -16.28
CA LEU B 432 10.79 22.69 -15.73
C LEU B 432 9.29 22.40 -15.72
N LEU B 433 8.91 21.33 -16.41
CA LEU B 433 7.50 20.93 -16.54
C LEU B 433 7.08 20.00 -15.42
N TYR B 434 8.06 19.22 -14.96
CA TYR B 434 7.91 18.07 -14.07
C TYR B 434 9.27 17.42 -13.84
N ARG B 435 9.37 16.52 -12.87
CA ARG B 435 10.68 15.93 -12.58
C ARG B 435 10.75 14.44 -12.93
N LEU B 436 11.61 14.12 -13.88
CA LEU B 436 11.77 12.75 -14.34
C LEU B 436 13.10 12.19 -13.84
N GLY B 437 13.83 13.02 -13.11
CA GLY B 437 15.12 12.65 -12.58
C GLY B 437 15.66 13.81 -11.77
N ALA B 438 16.93 13.70 -11.39
CA ALA B 438 17.55 14.74 -10.59
C ALA B 438 17.74 16.00 -11.43
N VAL B 439 17.60 17.15 -10.78
CA VAL B 439 17.69 18.42 -11.48
C VAL B 439 18.91 19.22 -11.00
N GLN B 440 19.84 19.50 -11.92
CA GLN B 440 21.06 20.22 -11.55
C GLN B 440 21.11 21.66 -12.07
N ASN B 441 20.46 21.94 -13.20
CA ASN B 441 20.35 23.32 -13.66
C ASN B 441 19.33 24.06 -12.81
N GLU B 442 19.46 25.38 -12.72
CA GLU B 442 18.43 26.13 -12.03
C GLU B 442 17.23 26.29 -12.95
N VAL B 443 16.08 26.51 -12.34
CA VAL B 443 14.83 26.33 -13.05
C VAL B 443 13.96 27.58 -13.04
N THR B 444 13.21 27.77 -14.12
CA THR B 444 12.07 28.68 -14.12
C THR B 444 10.75 27.90 -14.15
N LEU B 445 9.77 28.40 -13.42
CA LEU B 445 8.48 27.70 -13.19
C LEU B 445 7.33 28.41 -13.88
N THR B 446 7.65 29.20 -14.89
CA THR B 446 6.72 30.18 -15.40
C THR B 446 6.21 29.81 -16.79
N HIS B 447 6.67 28.69 -17.33
CA HIS B 447 6.24 28.27 -18.66
C HIS B 447 4.74 27.95 -18.64
N PRO B 448 4.03 28.30 -19.72
CA PRO B 448 2.58 28.04 -19.75
C PRO B 448 2.23 26.58 -19.47
N ILE B 449 3.05 25.65 -19.98
CA ILE B 449 2.77 24.22 -19.80
C ILE B 449 2.83 23.80 -18.33
N THR B 450 3.82 24.32 -17.62
CA THR B 450 3.95 24.13 -16.17
C THR B 450 2.69 24.61 -15.45
N LYS B 451 2.26 25.83 -15.78
CA LYS B 451 1.04 26.39 -15.19
C LYS B 451 -0.18 25.53 -15.47
N TYR B 452 -0.28 25.08 -16.72
CA TYR B 452 -1.35 24.22 -17.15
C TYR B 452 -1.38 22.91 -16.33
N ILE B 453 -0.23 22.25 -16.18
CA ILE B 453 -0.20 21.00 -15.44
C ILE B 453 -0.52 21.21 -13.98
N MET B 454 0.02 22.29 -13.40
CA MET B 454 -0.37 22.71 -12.05
C MET B 454 -1.88 22.85 -11.91
N THR B 455 -2.53 23.43 -12.93
CA THR B 455 -3.96 23.64 -12.84
C THR B 455 -4.68 22.30 -12.93
N CYS B 456 -4.18 21.40 -13.78
CA CYS B 456 -4.76 20.06 -13.87
C CYS B 456 -4.68 19.37 -12.50
N MET B 457 -3.55 19.53 -11.82
CA MET B 457 -3.38 18.94 -10.49
C MET B 457 -4.46 19.47 -9.51
N SER B 458 -4.62 20.80 -9.44
CA SER B 458 -5.59 21.37 -8.51
C SER B 458 -7.00 20.90 -8.82
N ALA B 459 -7.35 20.79 -10.10
CA ALA B 459 -8.74 20.53 -10.47
C ALA B 459 -9.07 19.06 -10.60
N ASP B 460 -8.12 18.26 -11.08
CA ASP B 460 -8.43 16.87 -11.40
C ASP B 460 -8.02 15.90 -10.28
N LEU B 461 -7.20 16.36 -9.35
CA LEU B 461 -6.79 15.51 -8.22
C LEU B 461 -7.49 15.99 -6.95
N GLU B 462 -6.82 16.88 -6.24
CA GLU B 462 -7.17 17.32 -4.89
C GLU B 462 -5.89 17.91 -4.29
N VAL B 463 -4.84 17.92 -5.11
CA VAL B 463 -3.49 18.36 -4.69
C VAL B 463 -3.18 19.73 -5.28
N VAL B 464 -3.32 20.78 -4.46
CA VAL B 464 -3.26 22.15 -4.96
C VAL B 464 -1.82 22.57 -5.29
#